data_5G53
#
_entry.id   5G53
#
_cell.length_a   90.632
_cell.length_b   111.814
_cell.length_c   161.304
_cell.angle_alpha   90.00
_cell.angle_beta   90.00
_cell.angle_gamma   90.00
#
_symmetry.space_group_name_H-M   'P 21 21 21'
#
loop_
_entity.id
_entity.type
_entity.pdbx_description
1 polymer 'ADENOSINE RECEPTOR A2A'
2 polymer 'ENGINEERED DOMAIN OF HUMAN G ALPHA S LONG ISOFORM'
3 non-polymer "N-ETHYL-5'-CARBOXAMIDO ADENOSINE"
4 non-polymer 'octyl 1-thio-beta-D-glucopyranoside'
5 non-polymer "GUANOSINE-5'-DIPHOSPHATE"
#
loop_
_entity_poly.entity_id
_entity_poly.type
_entity_poly.pdbx_seq_one_letter_code
_entity_poly.pdbx_strand_id
1 'polypeptide(L)'
;MPIMGSSVYITVELAIAVLAILGNVLVCWAVWLNSNLQNVTNYFVVSLAAADIAVGVLAIPFAITISTGFCAACHGCLFI
ACFVLVLTQSSIFSLLAIAIDRYIAIRIPLRYNGLVTGTRAKGIIAICWVLSFAIGLTPMLGWNNCGQPKEGKAHSQGCG
EGQVACLFEDVVPMNYMVYFNFFACVLVPLLLMLGVYLRIFLAARRQLKQMESQPLPGERARSTLQKEVHAAKSLAIIVG
LFALCWLPLHIINCFTFFCPDCSHAPLWLMYLAIVLSHTNSVVNPFIYAYRIREFRQTFRKIIRSHVLENLYFQ
;
A,B
2 'polypeptide(L)'
;GIEKQLQKDKQVYRATHRLLLLGADNSGKSTIVKQMRIYHGGSGGSGGTSGIFETKFQVDKVNFHMFDVGGQRDERRKWI
QCFNDVTAIIFVVDSSDYNRLQEALNDFKSIWNNRWLRTISVILFLNKQDLLAEKVLAGKSKIEDYFPEFARYTTPEDAT
PEPGEDPRVTRAKYFIRDEFLRISTASGDGRHYCYPHFTCAVDTENARRIFNDCRDIIQRMHLRQYELL
;
C,D
#
# COMPACT_ATOMS: atom_id res chain seq x y z
N SER A 6 42.71 32.84 -20.56
CA SER A 6 42.98 33.10 -19.13
C SER A 6 42.41 31.99 -18.24
N SER A 7 43.23 31.55 -17.28
CA SER A 7 42.88 30.46 -16.35
C SER A 7 41.64 30.78 -15.51
N VAL A 8 41.52 32.05 -15.12
CA VAL A 8 40.40 32.51 -14.31
C VAL A 8 39.10 32.33 -15.08
N TYR A 9 39.10 32.74 -16.35
CA TYR A 9 37.91 32.57 -17.19
C TYR A 9 37.53 31.10 -17.31
N ILE A 10 38.50 30.27 -17.67
CA ILE A 10 38.26 28.85 -17.90
C ILE A 10 37.63 28.18 -16.67
N THR A 11 38.19 28.45 -15.50
CA THR A 11 37.79 27.75 -14.28
C THR A 11 36.45 28.26 -13.76
N VAL A 12 36.23 29.57 -13.80
CA VAL A 12 34.94 30.17 -13.41
C VAL A 12 33.84 29.60 -14.32
N GLU A 13 34.16 29.53 -15.61
CA GLU A 13 33.24 28.99 -16.61
C GLU A 13 32.94 27.52 -16.33
N LEU A 14 33.96 26.76 -15.96
CA LEU A 14 33.78 25.34 -15.61
C LEU A 14 32.97 25.14 -14.33
N ALA A 15 33.16 26.03 -13.35
CA ALA A 15 32.37 26.00 -12.10
C ALA A 15 30.89 26.11 -12.40
N ILE A 16 30.54 27.12 -13.20
CA ILE A 16 29.16 27.37 -13.61
C ILE A 16 28.56 26.17 -14.33
N ALA A 17 29.32 25.54 -15.23
CA ALA A 17 28.88 24.32 -15.92
C ALA A 17 28.49 23.22 -14.93
N VAL A 18 29.31 23.01 -13.91
CA VAL A 18 29.03 22.01 -12.87
C VAL A 18 27.75 22.37 -12.10
N LEU A 19 27.72 23.59 -11.56
CA LEU A 19 26.55 24.12 -10.86
C LEU A 19 25.27 24.09 -11.71
N ALA A 20 25.42 24.32 -13.01
CA ALA A 20 24.29 24.25 -13.94
C ALA A 20 23.77 22.84 -14.07
N ILE A 21 24.66 21.88 -14.20
CA ILE A 21 24.26 20.47 -14.29
C ILE A 21 23.63 20.00 -12.96
N LEU A 22 24.26 20.32 -11.83
CA LEU A 22 23.75 19.87 -10.52
C LEU A 22 22.36 20.39 -10.20
N GLY A 23 22.18 21.71 -10.26
CA GLY A 23 20.89 22.33 -9.96
C GLY A 23 19.73 21.89 -10.86
N ASN A 24 20.04 21.69 -12.14
CA ASN A 24 19.01 21.37 -13.13
C ASN A 24 18.66 19.90 -13.19
N VAL A 25 19.65 19.03 -12.99
CA VAL A 25 19.39 17.61 -12.78
C VAL A 25 18.53 17.46 -11.53
N LEU A 26 18.86 18.19 -10.47
CA LEU A 26 18.07 18.15 -9.24
C LEU A 26 16.61 18.55 -9.50
N VAL A 27 16.39 19.59 -10.30
CA VAL A 27 15.03 20.00 -10.70
C VAL A 27 14.31 18.89 -11.47
N CYS A 28 14.99 18.31 -12.46
CA CYS A 28 14.43 17.25 -13.30
C CYS A 28 14.14 15.98 -12.50
N TRP A 29 15.10 15.59 -11.66
CA TRP A 29 14.99 14.42 -10.79
C TRP A 29 13.78 14.55 -9.85
N ALA A 30 13.58 15.74 -9.31
CA ALA A 30 12.42 16.04 -8.45
C ALA A 30 11.07 15.83 -9.13
N VAL A 31 10.98 16.12 -10.44
CA VAL A 31 9.73 15.93 -11.20
C VAL A 31 9.48 14.44 -11.48
N TRP A 32 10.56 13.68 -11.68
CA TRP A 32 10.48 12.25 -11.93
C TRP A 32 9.98 11.47 -10.70
N LEU A 33 10.54 11.81 -9.55
CA LEU A 33 10.18 11.19 -8.28
C LEU A 33 8.80 11.64 -7.81
N ASN A 34 8.64 12.94 -7.56
CA ASN A 34 7.39 13.50 -7.04
C ASN A 34 6.24 13.44 -8.07
N SER A 35 5.13 12.85 -7.64
CA SER A 35 3.94 12.65 -8.48
C SER A 35 3.13 13.94 -8.68
N ASN A 36 3.16 14.83 -7.69
CA ASN A 36 2.43 16.09 -7.74
C ASN A 36 3.05 17.09 -8.71
N LEU A 37 4.35 16.97 -8.95
CA LEU A 37 5.07 17.82 -9.92
C LEU A 37 4.86 17.40 -11.38
N GLN A 38 4.27 16.22 -11.60
CA GLN A 38 4.04 15.67 -12.94
C GLN A 38 2.71 16.17 -13.54
N ASN A 39 2.73 17.42 -13.98
CA ASN A 39 1.56 18.05 -14.62
C ASN A 39 2.02 19.01 -15.71
N VAL A 40 1.08 19.44 -16.56
CA VAL A 40 1.41 20.18 -17.80
C VAL A 40 2.25 21.45 -17.55
N THR A 41 1.91 22.22 -16.52
CA THR A 41 2.65 23.45 -16.19
C THR A 41 4.16 23.23 -16.02
N ASN A 42 4.55 22.05 -15.53
CA ASN A 42 5.97 21.73 -15.33
C ASN A 42 6.71 21.17 -16.55
N TYR A 43 5.99 20.90 -17.63
CA TYR A 43 6.62 20.58 -18.93
C TYR A 43 7.52 21.74 -19.33
N PHE A 44 7.02 22.95 -19.09
CA PHE A 44 7.76 24.17 -19.40
C PHE A 44 8.97 24.35 -18.50
N VAL A 45 8.86 23.96 -17.24
CA VAL A 45 9.98 24.01 -16.29
C VAL A 45 11.01 22.93 -16.61
N VAL A 46 10.55 21.74 -16.99
CA VAL A 46 11.47 20.63 -17.32
C VAL A 46 12.18 20.91 -18.64
N SER A 47 11.50 21.50 -19.63
CA SER A 47 12.14 21.86 -20.90
C SER A 47 13.26 22.88 -20.65
N LEU A 48 12.95 23.91 -19.86
CA LEU A 48 13.93 24.92 -19.44
C LEU A 48 15.13 24.28 -18.76
N ALA A 49 14.85 23.41 -17.81
CA ALA A 49 15.89 22.70 -17.06
C ALA A 49 16.72 21.78 -17.96
N ALA A 50 16.07 21.12 -18.92
CA ALA A 50 16.77 20.28 -19.90
C ALA A 50 17.75 21.10 -20.74
N ALA A 51 17.26 22.21 -21.28
CA ALA A 51 18.06 23.17 -22.05
C ALA A 51 19.27 23.69 -21.27
N ASP A 52 19.07 23.99 -19.99
CA ASP A 52 20.15 24.49 -19.12
C ASP A 52 21.22 23.42 -18.84
N ILE A 53 20.81 22.16 -18.80
CA ILE A 53 21.77 21.05 -18.67
C ILE A 53 22.65 21.03 -19.92
N ALA A 54 22.02 21.06 -21.09
CA ALA A 54 22.74 21.13 -22.38
C ALA A 54 23.72 22.31 -22.45
N VAL A 55 23.35 23.44 -21.83
CA VAL A 55 24.24 24.59 -21.73
C VAL A 55 25.48 24.27 -20.91
N GLY A 56 25.28 23.57 -19.79
CA GLY A 56 26.36 23.13 -18.92
C GLY A 56 27.26 22.06 -19.54
N VAL A 57 26.64 21.04 -20.13
CA VAL A 57 27.38 19.90 -20.69
C VAL A 57 28.03 20.25 -22.02
N LEU A 58 27.26 20.83 -22.95
CA LEU A 58 27.74 21.05 -24.32
C LEU A 58 28.16 22.49 -24.60
N ALA A 59 27.31 23.46 -24.29
CA ALA A 59 27.53 24.84 -24.72
C ALA A 59 28.74 25.52 -24.06
N ILE A 60 28.91 25.35 -22.76
CA ILE A 60 30.04 25.96 -22.04
C ILE A 60 31.41 25.37 -22.46
N PRO A 61 31.54 24.04 -22.53
CA PRO A 61 32.79 23.50 -23.09
C PRO A 61 33.11 24.00 -24.51
N PHE A 62 32.11 24.06 -25.38
CA PHE A 62 32.28 24.66 -26.71
C PHE A 62 32.65 26.14 -26.64
N ALA A 63 32.06 26.88 -25.69
CA ALA A 63 32.40 28.29 -25.49
C ALA A 63 33.84 28.48 -25.02
N ILE A 64 34.32 27.56 -24.19
CA ILE A 64 35.72 27.56 -23.74
C ILE A 64 36.68 27.42 -24.92
N THR A 65 36.40 26.48 -25.82
CA THR A 65 37.24 26.28 -27.01
C THR A 65 37.32 27.55 -27.87
N ILE A 66 36.19 28.21 -28.08
CA ILE A 66 36.13 29.45 -28.88
C ILE A 66 37.00 30.59 -28.29
N SER A 67 37.27 30.54 -26.98
CA SER A 67 38.10 31.52 -26.30
C SER A 67 39.60 31.37 -26.56
N THR A 68 40.02 30.17 -26.96
CA THR A 68 41.44 29.84 -27.11
C THR A 68 42.04 30.26 -28.45
N GLY A 69 41.20 30.46 -29.46
CA GLY A 69 41.67 30.74 -30.81
C GLY A 69 42.52 29.60 -31.35
N PHE A 70 42.07 28.37 -31.12
CA PHE A 70 42.75 27.18 -31.63
C PHE A 70 42.60 27.10 -33.15
N CYS A 71 43.48 26.32 -33.79
CA CYS A 71 43.52 26.21 -35.26
C CYS A 71 42.44 25.27 -35.76
N ALA A 72 41.61 25.76 -36.68
CA ALA A 72 40.53 24.99 -37.27
C ALA A 72 40.05 25.63 -38.56
N ALA A 73 39.39 24.85 -39.41
CA ALA A 73 38.75 25.38 -40.62
C ALA A 73 37.65 26.36 -40.23
N CYS A 74 37.59 27.49 -40.92
CA CYS A 74 36.64 28.57 -40.58
C CYS A 74 35.20 28.07 -40.37
N HIS A 75 34.75 27.20 -41.26
CA HIS A 75 33.38 26.68 -41.21
C HIS A 75 33.18 25.65 -40.11
N GLY A 76 34.25 25.01 -39.66
CA GLY A 76 34.23 24.20 -38.46
C GLY A 76 34.09 25.06 -37.23
N CYS A 77 34.80 26.20 -37.22
CA CYS A 77 34.71 27.15 -36.11
C CYS A 77 33.35 27.83 -36.04
N LEU A 78 32.76 28.11 -37.20
CA LEU A 78 31.42 28.69 -37.28
C LEU A 78 30.36 27.75 -36.72
N PHE A 79 30.51 26.46 -37.00
CA PHE A 79 29.58 25.42 -36.54
C PHE A 79 29.54 25.32 -35.00
N ILE A 80 30.70 25.43 -34.37
CA ILE A 80 30.81 25.37 -32.91
C ILE A 80 30.16 26.60 -32.27
N ALA A 81 30.48 27.77 -32.82
CA ALA A 81 29.88 29.04 -32.38
C ALA A 81 28.37 29.03 -32.55
N CYS A 82 27.91 28.48 -33.66
CA CYS A 82 26.48 28.36 -33.94
C CYS A 82 25.79 27.38 -32.97
N PHE A 83 26.52 26.35 -32.54
CA PHE A 83 26.00 25.37 -31.59
C PHE A 83 25.81 25.98 -30.20
N VAL A 84 26.74 26.87 -29.82
CA VAL A 84 26.62 27.65 -28.58
C VAL A 84 25.39 28.56 -28.62
N LEU A 85 25.13 29.18 -29.78
CA LEU A 85 23.98 30.06 -29.97
C LEU A 85 22.64 29.34 -29.89
N VAL A 86 22.54 28.19 -30.54
CA VAL A 86 21.31 27.39 -30.54
C VAL A 86 20.90 26.99 -29.11
N LEU A 87 21.85 26.46 -28.35
CA LEU A 87 21.57 25.94 -26.99
C LEU A 87 21.19 27.04 -25.99
N THR A 88 21.91 28.16 -26.04
CA THR A 88 21.58 29.32 -25.24
C THR A 88 20.24 29.93 -25.63
N GLN A 89 19.93 29.90 -26.93
CA GLN A 89 18.64 30.42 -27.43
C GLN A 89 17.48 29.60 -26.89
N SER A 90 17.62 28.27 -26.93
CA SER A 90 16.58 27.38 -26.40
C SER A 90 16.34 27.60 -24.90
N SER A 91 17.42 27.85 -24.14
CA SER A 91 17.27 28.24 -22.74
C SER A 91 16.44 29.53 -22.59
N ILE A 92 16.69 30.52 -23.44
CA ILE A 92 15.91 31.78 -23.39
C ILE A 92 14.47 31.58 -23.85
N PHE A 93 14.25 30.82 -24.92
CA PHE A 93 12.89 30.61 -25.43
C PHE A 93 12.04 29.72 -24.50
N SER A 94 12.63 28.70 -23.90
CA SER A 94 11.94 27.88 -22.91
C SER A 94 11.59 28.69 -21.64
N LEU A 95 12.39 29.71 -21.35
CA LEU A 95 12.13 30.66 -20.28
C LEU A 95 10.93 31.56 -20.60
N LEU A 96 10.88 31.99 -21.85
CA LEU A 96 9.77 32.79 -22.37
C LEU A 96 8.47 31.99 -22.32
N ALA A 97 8.55 30.69 -22.67
CA ALA A 97 7.39 29.79 -22.64
C ALA A 97 6.74 29.71 -21.28
N ILE A 98 7.55 29.74 -20.21
CA ILE A 98 7.00 29.77 -18.85
C ILE A 98 6.17 31.04 -18.65
N ALA A 99 6.69 32.18 -19.10
CA ALA A 99 5.99 33.46 -18.98
C ALA A 99 4.67 33.50 -19.78
N ILE A 100 4.68 32.92 -20.98
CA ILE A 100 3.47 32.84 -21.82
C ILE A 100 2.42 31.93 -21.16
N ASP A 101 2.87 30.83 -20.56
CA ASP A 101 2.02 29.92 -19.78
C ASP A 101 1.35 30.64 -18.61
N ARG A 102 2.15 31.34 -17.81
CA ARG A 102 1.63 32.09 -16.66
C ARG A 102 0.75 33.25 -17.09
N TYR A 103 1.00 33.78 -18.29
CA TYR A 103 0.16 34.84 -18.83
C TYR A 103 -1.23 34.32 -19.15
N ILE A 104 -1.30 33.17 -19.83
CA ILE A 104 -2.58 32.52 -20.13
C ILE A 104 -3.30 32.19 -18.83
N ALA A 105 -2.56 31.65 -17.87
CA ALA A 105 -3.10 31.29 -16.54
C ALA A 105 -3.76 32.44 -15.80
N ILE A 106 -3.16 33.62 -15.84
CA ILE A 106 -3.67 34.77 -15.10
C ILE A 106 -4.71 35.56 -15.92
N ARG A 107 -4.48 35.69 -17.22
CA ARG A 107 -5.38 36.46 -18.10
C ARG A 107 -6.65 35.70 -18.47
N ILE A 108 -6.52 34.40 -18.78
CA ILE A 108 -7.65 33.55 -19.20
C ILE A 108 -7.72 32.34 -18.26
N PRO A 109 -8.11 32.54 -16.98
CA PRO A 109 -7.93 31.48 -15.99
C PRO A 109 -8.89 30.31 -16.13
N LEU A 110 -10.05 30.53 -16.74
CA LEU A 110 -11.05 29.48 -16.87
C LEU A 110 -10.67 28.52 -18.00
N ARG A 111 -10.43 29.05 -19.20
CA ARG A 111 -10.03 28.25 -20.37
C ARG A 111 -8.60 27.67 -20.32
N TYR A 112 -7.79 28.06 -19.33
CA TYR A 112 -6.42 27.54 -19.17
C TYR A 112 -6.27 26.05 -19.43
N ASN A 113 -7.09 25.23 -18.77
CA ASN A 113 -6.99 23.77 -18.90
C ASN A 113 -7.44 23.25 -20.26
N GLY A 114 -8.33 23.99 -20.93
CA GLY A 114 -8.80 23.67 -22.28
C GLY A 114 -7.87 24.17 -23.37
N LEU A 115 -7.14 25.25 -23.11
CA LEU A 115 -6.13 25.74 -24.05
C LEU A 115 -4.78 25.03 -23.87
N VAL A 116 -4.29 24.99 -22.64
CA VAL A 116 -2.95 24.46 -22.32
C VAL A 116 -3.01 22.95 -22.05
N THR A 117 -3.14 22.17 -23.10
CA THR A 117 -3.14 20.71 -23.00
C THR A 117 -1.71 20.19 -23.05
N GLY A 118 -1.52 18.95 -22.60
CA GLY A 118 -0.21 18.31 -22.62
C GLY A 118 0.39 18.16 -24.01
N THR A 119 -0.46 17.94 -25.01
CA THR A 119 -0.02 17.80 -26.40
C THR A 119 0.36 19.15 -27.00
N ARG A 120 -0.47 20.17 -26.75
CA ARG A 120 -0.19 21.53 -27.22
C ARG A 120 1.04 22.13 -26.54
N ALA A 121 1.30 21.75 -25.29
CA ALA A 121 2.52 22.16 -24.58
C ALA A 121 3.78 21.62 -25.25
N LYS A 122 3.70 20.40 -25.77
CA LYS A 122 4.79 19.79 -26.55
C LYS A 122 4.99 20.52 -27.88
N GLY A 123 3.89 20.96 -28.49
CA GLY A 123 3.94 21.81 -29.67
C GLY A 123 4.76 23.06 -29.43
N ILE A 124 4.39 23.80 -28.38
CA ILE A 124 5.10 25.02 -27.96
C ILE A 124 6.60 24.75 -27.72
N ILE A 125 6.90 23.69 -26.97
CA ILE A 125 8.29 23.35 -26.64
C ILE A 125 9.09 23.01 -27.91
N ALA A 126 8.49 22.27 -28.83
CA ALA A 126 9.13 21.96 -30.11
C ALA A 126 9.43 23.22 -30.91
N ILE A 127 8.46 24.13 -30.98
CA ILE A 127 8.65 25.43 -31.66
C ILE A 127 9.83 26.18 -31.04
N CYS A 128 9.96 26.15 -29.71
CA CYS A 128 11.11 26.78 -29.04
C CYS A 128 12.45 26.26 -29.57
N TRP A 129 12.53 24.95 -29.78
CA TRP A 129 13.78 24.33 -30.25
C TRP A 129 13.98 24.44 -31.76
N VAL A 130 12.90 24.49 -32.54
CA VAL A 130 13.05 24.70 -33.98
C VAL A 130 13.47 26.15 -34.25
N LEU A 131 12.88 27.12 -33.56
CA LEU A 131 13.34 28.52 -33.62
C LEU A 131 14.79 28.70 -33.17
N SER A 132 15.23 27.92 -32.20
CA SER A 132 16.63 27.96 -31.76
C SER A 132 17.59 27.52 -32.86
N PHE A 133 17.29 26.41 -33.52
CA PHE A 133 18.13 25.89 -34.62
C PHE A 133 18.10 26.85 -35.81
N ALA A 134 16.89 27.23 -36.23
CA ALA A 134 16.69 28.19 -37.35
C ALA A 134 17.51 29.46 -37.20
N ILE A 135 17.54 30.03 -36.00
CA ILE A 135 18.22 31.31 -35.75
C ILE A 135 19.72 31.12 -35.49
N GLY A 136 20.05 30.16 -34.63
CA GLY A 136 21.44 29.88 -34.27
C GLY A 136 22.28 29.28 -35.40
N LEU A 137 21.64 28.58 -36.35
CA LEU A 137 22.33 28.06 -37.53
C LEU A 137 22.27 28.97 -38.75
N THR A 138 21.55 30.09 -38.66
CA THR A 138 21.46 31.04 -39.79
C THR A 138 22.83 31.44 -40.36
N PRO A 139 23.84 31.68 -39.49
CA PRO A 139 25.18 31.96 -40.03
C PRO A 139 25.81 30.84 -40.88
N MET A 140 25.43 29.58 -40.65
CA MET A 140 25.91 28.46 -41.47
C MET A 140 25.44 28.55 -42.92
N LEU A 141 24.27 29.15 -43.15
CA LEU A 141 23.68 29.26 -44.48
C LEU A 141 24.41 30.24 -45.42
N GLY A 142 25.37 31.01 -44.90
CA GLY A 142 26.13 31.96 -45.71
C GLY A 142 26.42 33.28 -45.02
N TRP A 143 25.58 33.66 -44.06
CA TRP A 143 25.76 34.92 -43.32
C TRP A 143 26.88 34.80 -42.27
N ASN A 144 28.12 34.77 -42.74
CA ASN A 144 29.30 34.61 -41.90
C ASN A 144 30.48 35.43 -42.40
N ASN A 145 31.52 35.53 -41.58
CA ASN A 145 32.74 36.27 -41.92
C ASN A 145 33.83 35.40 -42.55
N CYS A 146 33.52 34.15 -42.91
CA CYS A 146 34.50 33.23 -43.51
C CYS A 146 34.87 33.67 -44.94
N CYS A 159 48.86 27.89 -37.78
CA CYS A 159 47.83 27.13 -38.47
C CYS A 159 48.25 26.84 -39.92
N GLY A 160 47.88 25.66 -40.41
CA GLY A 160 48.09 25.28 -41.80
C GLY A 160 47.23 26.12 -42.75
N GLU A 161 47.51 26.02 -44.05
CA GLU A 161 46.77 26.79 -45.06
C GLU A 161 45.29 26.39 -45.07
N GLY A 162 44.42 27.39 -45.11
CA GLY A 162 42.97 27.17 -45.01
C GLY A 162 42.47 26.93 -43.60
N GLN A 163 43.25 27.34 -42.59
CA GLN A 163 42.83 27.33 -41.18
C GLN A 163 42.95 28.73 -40.60
N VAL A 164 42.18 28.99 -39.55
CA VAL A 164 42.17 30.29 -38.86
C VAL A 164 42.12 30.10 -37.36
N ALA A 165 42.43 31.17 -36.63
CA ALA A 165 42.26 31.19 -35.18
C ALA A 165 40.77 31.19 -34.86
N CYS A 166 40.30 30.13 -34.21
CA CYS A 166 38.88 29.96 -33.95
C CYS A 166 38.37 30.87 -32.83
N LEU A 167 37.93 32.08 -33.21
CA LEU A 167 37.33 33.06 -32.28
C LEU A 167 35.92 33.42 -32.69
N PHE A 168 35.09 33.77 -31.71
CA PHE A 168 33.67 34.02 -31.96
C PHE A 168 33.44 35.22 -32.88
N GLU A 169 34.02 36.36 -32.51
CA GLU A 169 33.85 37.60 -33.29
C GLU A 169 34.58 37.56 -34.64
N ASP A 170 35.37 36.52 -34.88
CA ASP A 170 36.02 36.31 -36.19
C ASP A 170 35.12 35.65 -37.23
N VAL A 171 34.28 34.71 -36.78
CA VAL A 171 33.40 33.94 -37.68
C VAL A 171 31.94 34.40 -37.70
N VAL A 172 31.41 34.81 -36.55
CA VAL A 172 30.02 35.24 -36.42
C VAL A 172 29.96 36.76 -36.61
N PRO A 173 29.26 37.24 -37.67
CA PRO A 173 29.19 38.67 -37.93
C PRO A 173 28.40 39.44 -36.87
N MET A 174 28.82 40.68 -36.61
CA MET A 174 28.18 41.48 -35.58
C MET A 174 26.82 42.06 -36.02
N ASN A 175 26.58 42.19 -37.32
CA ASN A 175 25.23 42.58 -37.80
C ASN A 175 24.18 41.50 -37.50
N TYR A 176 24.54 40.23 -37.71
CA TYR A 176 23.70 39.11 -37.27
C TYR A 176 23.44 39.16 -35.78
N MET A 177 24.48 39.37 -34.98
CA MET A 177 24.33 39.42 -33.53
C MET A 177 23.47 40.58 -33.07
N VAL A 178 23.61 41.74 -33.70
CA VAL A 178 22.88 42.94 -33.25
C VAL A 178 21.47 43.04 -33.86
N TYR A 179 21.35 42.85 -35.17
CA TYR A 179 20.07 43.08 -35.88
C TYR A 179 19.09 41.92 -35.79
N PHE A 180 19.61 40.70 -35.78
CA PHE A 180 18.77 39.50 -35.75
C PHE A 180 18.77 38.85 -34.36
N ASN A 181 19.94 38.43 -33.89
CA ASN A 181 20.06 37.66 -32.63
C ASN A 181 19.68 38.42 -31.37
N PHE A 182 20.21 39.62 -31.19
CA PHE A 182 19.90 40.44 -30.01
C PHE A 182 18.43 40.85 -29.99
N PHE A 183 17.91 41.25 -31.15
CA PHE A 183 16.52 41.68 -31.31
C PHE A 183 15.53 40.53 -31.09
N ALA A 184 15.74 39.44 -31.81
CA ALA A 184 14.86 38.26 -31.77
C ALA A 184 14.96 37.47 -30.47
N CYS A 185 16.19 37.25 -29.98
CA CYS A 185 16.42 36.29 -28.91
C CYS A 185 16.61 36.89 -27.52
N VAL A 186 16.92 38.17 -27.41
CA VAL A 186 17.10 38.78 -26.08
C VAL A 186 16.11 39.91 -25.83
N LEU A 187 16.06 40.88 -26.73
CA LEU A 187 15.31 42.12 -26.53
C LEU A 187 13.80 41.88 -26.53
N VAL A 188 13.31 41.18 -27.55
CA VAL A 188 11.89 40.87 -27.66
C VAL A 188 11.43 40.03 -26.46
N PRO A 189 12.06 38.86 -26.21
CA PRO A 189 11.77 38.10 -24.99
C PRO A 189 11.75 38.91 -23.70
N LEU A 190 12.77 39.74 -23.50
CA LEU A 190 12.83 40.63 -22.33
C LEU A 190 11.62 41.55 -22.23
N LEU A 191 11.26 42.20 -23.35
CA LEU A 191 10.10 43.09 -23.40
C LEU A 191 8.79 42.34 -23.14
N LEU A 192 8.65 41.18 -23.77
CA LEU A 192 7.48 40.33 -23.56
C LEU A 192 7.37 39.88 -22.12
N MET A 193 8.49 39.40 -21.56
CA MET A 193 8.54 38.93 -20.16
C MET A 193 8.24 40.04 -19.18
N LEU A 194 8.84 41.20 -19.40
CA LEU A 194 8.60 42.40 -18.60
C LEU A 194 7.11 42.74 -18.57
N GLY A 195 6.51 42.78 -19.76
CA GLY A 195 5.10 43.09 -19.92
C GLY A 195 4.17 42.07 -19.29
N VAL A 196 4.53 40.79 -19.45
CA VAL A 196 3.76 39.67 -18.92
C VAL A 196 3.81 39.67 -17.42
N TYR A 197 4.99 39.85 -16.84
CA TYR A 197 5.12 39.77 -15.38
C TYR A 197 4.51 41.00 -14.71
N LEU A 198 4.54 42.16 -15.36
CA LEU A 198 3.86 43.34 -14.81
C LEU A 198 2.34 43.20 -14.78
N ARG A 199 1.79 42.45 -15.76
CA ARG A 199 0.35 42.15 -15.81
C ARG A 199 -0.07 41.12 -14.76
N ILE A 200 0.82 40.15 -14.49
CA ILE A 200 0.63 39.15 -13.44
C ILE A 200 0.70 39.80 -12.06
N PHE A 201 1.66 40.72 -11.89
CA PHE A 201 1.76 41.51 -10.67
C PHE A 201 0.48 42.30 -10.37
N LEU A 202 -0.03 43.00 -11.39
CA LEU A 202 -1.27 43.79 -11.27
C LEU A 202 -2.47 42.97 -10.81
N ALA A 203 -2.57 41.75 -11.35
CA ALA A 203 -3.62 40.81 -10.94
C ALA A 203 -3.44 40.38 -9.47
N ALA A 204 -2.20 40.17 -9.06
CA ALA A 204 -1.88 39.84 -7.68
C ALA A 204 -2.21 40.96 -6.71
N ARG A 205 -1.91 42.21 -7.10
CA ARG A 205 -2.20 43.34 -6.21
C ARG A 205 -3.71 43.62 -6.12
N ARG A 206 -4.44 43.30 -7.20
CA ARG A 206 -5.91 43.40 -7.21
C ARG A 206 -6.52 42.44 -6.21
N GLN A 207 -6.07 41.19 -6.27
CA GLN A 207 -6.59 40.14 -5.41
C GLN A 207 -6.11 40.32 -3.97
N LEU A 208 -4.93 40.90 -3.78
CA LEU A 208 -4.45 41.25 -2.43
C LEU A 208 -5.36 42.28 -1.78
N LYS A 209 -5.83 43.25 -2.56
CA LYS A 209 -6.73 44.30 -2.08
C LYS A 209 -8.12 43.76 -1.67
N GLN A 210 -8.59 42.73 -2.38
CA GLN A 210 -9.87 42.04 -2.09
C GLN A 210 -9.84 41.34 -0.72
N MET A 211 -8.68 40.79 -0.37
CA MET A 211 -8.49 40.05 0.86
C MET A 211 -7.70 40.88 1.89
N THR A 224 -2.50 44.51 3.68
CA THR A 224 -1.07 44.80 3.89
C THR A 224 -0.35 45.08 2.56
N LEU A 225 0.15 46.30 2.46
CA LEU A 225 1.05 46.65 1.38
C LEU A 225 2.44 45.98 1.52
N GLN A 226 2.78 45.43 2.69
CA GLN A 226 3.94 44.53 2.81
C GLN A 226 3.84 43.28 1.91
N LYS A 227 2.64 42.72 1.76
CA LYS A 227 2.42 41.60 0.84
C LYS A 227 2.55 42.02 -0.63
N GLU A 228 2.07 43.22 -0.98
CA GLU A 228 2.21 43.76 -2.34
C GLU A 228 3.68 44.05 -2.75
N VAL A 229 4.42 44.62 -1.80
CA VAL A 229 5.85 44.90 -1.95
C VAL A 229 6.66 43.62 -2.14
N HIS A 230 6.36 42.60 -1.33
CA HIS A 230 6.95 41.26 -1.50
C HIS A 230 6.66 40.66 -2.87
N ALA A 231 5.42 40.80 -3.36
CA ALA A 231 5.04 40.28 -4.69
C ALA A 231 5.82 40.98 -5.82
N ALA A 232 5.81 42.31 -5.76
CA ALA A 232 6.51 43.16 -6.72
C ALA A 232 8.01 42.83 -6.80
N LYS A 233 8.60 42.66 -5.63
CA LYS A 233 10.00 42.27 -5.47
C LYS A 233 10.28 40.93 -6.14
N SER A 234 9.43 39.94 -5.90
CA SER A 234 9.63 38.61 -6.49
C SER A 234 9.61 38.61 -8.02
N LEU A 235 8.71 39.40 -8.61
CA LEU A 235 8.64 39.51 -10.08
C LEU A 235 9.76 40.40 -10.68
N ALA A 236 10.18 41.38 -9.91
CA ALA A 236 11.35 42.21 -10.25
C ALA A 236 12.60 41.36 -10.35
N ILE A 237 12.74 40.40 -9.43
CA ILE A 237 13.89 39.49 -9.41
C ILE A 237 13.96 38.62 -10.66
N ILE A 238 12.83 38.02 -11.08
CA ILE A 238 12.79 37.22 -12.32
C ILE A 238 13.37 38.02 -13.51
N VAL A 239 12.77 39.18 -13.77
CA VAL A 239 13.09 39.93 -15.00
C VAL A 239 14.44 40.64 -14.85
N GLY A 240 14.68 41.17 -13.65
CA GLY A 240 15.95 41.77 -13.29
C GLY A 240 17.15 40.85 -13.45
N LEU A 241 17.05 39.61 -13.02
CA LEU A 241 18.15 38.64 -13.22
C LEU A 241 18.37 38.31 -14.69
N PHE A 242 17.29 38.10 -15.45
CA PHE A 242 17.41 37.88 -16.91
C PHE A 242 18.14 39.03 -17.61
N ALA A 243 17.79 40.26 -17.22
CA ALA A 243 18.41 41.46 -17.78
C ALA A 243 19.86 41.60 -17.31
N LEU A 244 20.12 41.29 -16.04
CA LEU A 244 21.48 41.32 -15.48
C LEU A 244 22.40 40.31 -16.15
N CYS A 245 21.87 39.13 -16.48
CA CYS A 245 22.68 38.08 -17.10
C CYS A 245 22.99 38.35 -18.59
N TRP A 246 21.95 38.73 -19.34
CA TRP A 246 22.02 38.77 -20.82
C TRP A 246 22.36 40.11 -21.45
N LEU A 247 21.92 41.22 -20.85
CA LEU A 247 22.14 42.55 -21.45
C LEU A 247 23.61 42.98 -21.53
N PRO A 248 24.43 42.74 -20.47
CA PRO A 248 25.85 43.16 -20.55
C PRO A 248 26.56 42.74 -21.84
N LEU A 249 26.53 41.45 -22.15
CA LEU A 249 27.22 40.95 -23.33
C LEU A 249 26.64 41.52 -24.62
N HIS A 250 25.31 41.61 -24.71
CA HIS A 250 24.68 42.11 -25.94
C HIS A 250 24.74 43.62 -26.10
N ILE A 251 24.67 44.36 -24.99
CA ILE A 251 24.97 45.81 -24.97
C ILE A 251 26.37 46.04 -25.51
N ILE A 252 27.33 45.29 -24.98
CA ILE A 252 28.70 45.38 -25.45
C ILE A 252 28.76 45.06 -26.95
N ASN A 253 28.07 44.03 -27.41
CA ASN A 253 28.03 43.71 -28.84
C ASN A 253 27.52 44.86 -29.72
N CYS A 254 26.53 45.61 -29.22
CA CYS A 254 26.03 46.79 -29.93
C CYS A 254 27.09 47.88 -30.03
N PHE A 255 27.80 48.11 -28.91
CA PHE A 255 28.93 49.05 -28.81
C PHE A 255 29.97 48.70 -29.89
N THR A 256 30.38 47.43 -29.90
CA THR A 256 31.34 46.90 -30.88
C THR A 256 30.88 47.13 -32.31
N PHE A 257 29.62 46.84 -32.59
CA PHE A 257 29.08 46.94 -33.96
C PHE A 257 28.94 48.38 -34.44
N PHE A 258 28.36 49.22 -33.60
CA PHE A 258 28.05 50.61 -33.98
C PHE A 258 29.24 51.56 -33.86
N CYS A 259 30.26 51.17 -33.10
CA CYS A 259 31.50 51.93 -33.02
C CYS A 259 32.70 51.09 -33.47
N PRO A 260 32.91 50.98 -34.79
CA PRO A 260 34.05 50.22 -35.28
C PRO A 260 35.38 50.95 -35.05
N ASP A 261 35.33 52.27 -34.82
CA ASP A 261 36.50 53.11 -34.58
C ASP A 261 36.99 53.03 -33.12
N CYS A 262 36.05 52.83 -32.18
CA CYS A 262 36.36 52.62 -30.75
C CYS A 262 37.33 51.48 -30.59
N SER A 263 38.28 51.62 -29.65
CA SER A 263 39.11 50.49 -29.24
C SER A 263 38.19 49.45 -28.62
N HIS A 264 38.37 48.17 -28.98
CA HIS A 264 37.40 47.14 -28.62
C HIS A 264 37.37 46.92 -27.11
N ALA A 265 36.22 46.48 -26.62
CA ALA A 265 36.04 46.15 -25.21
C ALA A 265 37.15 45.21 -24.73
N PRO A 266 37.71 45.46 -23.54
CA PRO A 266 38.85 44.68 -23.08
C PRO A 266 38.47 43.22 -22.84
N LEU A 267 39.44 42.32 -22.96
CA LEU A 267 39.18 40.89 -22.93
C LEU A 267 38.69 40.37 -21.56
N TRP A 268 39.06 41.06 -20.47
CA TRP A 268 38.52 40.72 -19.15
C TRP A 268 37.02 41.02 -19.06
N LEU A 269 36.59 42.11 -19.71
CA LEU A 269 35.18 42.48 -19.76
C LEU A 269 34.39 41.49 -20.60
N MET A 270 34.99 41.02 -21.69
CA MET A 270 34.35 40.00 -22.52
C MET A 270 34.12 38.72 -21.71
N TYR A 271 35.15 38.22 -21.04
CA TYR A 271 35.04 37.03 -20.19
C TYR A 271 34.01 37.19 -19.07
N LEU A 272 33.97 38.36 -18.45
CA LEU A 272 32.97 38.68 -17.43
C LEU A 272 31.54 38.59 -17.98
N ALA A 273 31.32 39.21 -19.15
CA ALA A 273 29.98 39.28 -19.76
C ALA A 273 29.52 37.92 -20.27
N ILE A 274 30.45 37.17 -20.87
CA ILE A 274 30.18 35.81 -21.35
C ILE A 274 29.79 34.91 -20.18
N VAL A 275 30.61 34.95 -19.14
CA VAL A 275 30.33 34.23 -17.88
C VAL A 275 28.95 34.62 -17.34
N LEU A 276 28.67 35.93 -17.27
CA LEU A 276 27.36 36.40 -16.78
C LEU A 276 26.18 35.80 -17.56
N SER A 277 26.29 35.77 -18.89
CA SER A 277 25.23 35.18 -19.72
C SER A 277 24.99 33.69 -19.41
N HIS A 278 26.07 32.96 -19.14
CA HIS A 278 25.94 31.54 -18.80
C HIS A 278 25.38 31.31 -17.40
N THR A 279 25.60 32.27 -16.50
CA THR A 279 25.08 32.20 -15.14
C THR A 279 23.55 32.34 -15.05
N ASN A 280 22.88 32.64 -16.16
CA ASN A 280 21.41 32.50 -16.22
C ASN A 280 20.98 31.05 -15.99
N SER A 281 21.79 30.10 -16.44
CA SER A 281 21.54 28.67 -16.29
C SER A 281 21.75 28.11 -14.87
N VAL A 282 22.39 28.88 -13.99
CA VAL A 282 22.54 28.52 -12.57
C VAL A 282 21.38 29.08 -11.72
N VAL A 283 20.98 30.32 -12.00
CA VAL A 283 19.87 30.96 -11.30
C VAL A 283 18.48 30.56 -11.82
N ASN A 284 18.38 30.06 -13.06
CA ASN A 284 17.12 29.59 -13.64
C ASN A 284 16.46 28.44 -12.91
N PRO A 285 17.22 27.38 -12.57
CA PRO A 285 16.74 26.50 -11.53
C PRO A 285 16.16 27.24 -10.35
N PHE A 286 16.96 28.07 -9.67
CA PHE A 286 16.56 28.59 -8.35
C PHE A 286 15.24 29.35 -8.46
N ILE A 287 15.27 30.51 -9.11
CA ILE A 287 14.11 31.40 -9.14
C ILE A 287 12.81 30.69 -9.57
N TYR A 288 12.88 29.88 -10.63
CA TYR A 288 11.66 29.20 -11.10
C TYR A 288 11.22 28.09 -10.15
N ALA A 289 12.04 27.07 -10.06
CA ALA A 289 11.66 25.85 -9.32
C ALA A 289 11.65 26.10 -7.81
N TYR A 290 12.69 26.73 -7.31
CA TYR A 290 12.81 26.97 -5.86
C TYR A 290 11.72 27.94 -5.35
N ARG A 291 10.98 28.62 -6.24
CA ARG A 291 9.81 29.40 -5.83
C ARG A 291 8.52 28.56 -5.68
N ILE A 292 8.59 27.26 -5.95
CA ILE A 292 7.49 26.35 -5.70
C ILE A 292 7.78 25.57 -4.41
N ARG A 293 6.87 25.66 -3.44
CA ARG A 293 6.97 24.91 -2.18
C ARG A 293 7.11 23.41 -2.42
N GLU A 294 6.29 22.89 -3.32
CA GLU A 294 6.33 21.47 -3.73
C GLU A 294 7.72 21.01 -4.20
N PHE A 295 8.42 21.85 -4.95
CA PHE A 295 9.82 21.60 -5.31
C PHE A 295 10.73 21.67 -4.08
N ARG A 296 10.52 22.68 -3.25
CA ARG A 296 11.33 22.90 -2.04
C ARG A 296 11.32 21.73 -1.06
N GLN A 297 10.14 21.17 -0.82
CA GLN A 297 9.99 20.01 0.08
C GLN A 297 10.62 18.76 -0.52
N THR A 298 10.42 18.57 -1.83
CA THR A 298 11.02 17.46 -2.58
C THR A 298 12.54 17.50 -2.53
N PHE A 299 13.14 18.70 -2.60
CA PHE A 299 14.59 18.83 -2.48
C PHE A 299 15.10 18.36 -1.11
N ARG A 300 14.32 18.62 -0.05
CA ARG A 300 14.68 18.16 1.31
C ARG A 300 14.76 16.64 1.38
N LYS A 301 13.66 16.00 0.96
CA LYS A 301 13.54 14.56 0.99
C LYS A 301 14.62 13.85 0.18
N ILE A 302 15.12 14.48 -0.89
CA ILE A 302 16.14 13.88 -1.76
C ILE A 302 17.51 13.93 -1.10
N ILE A 303 17.91 15.11 -0.63
CA ILE A 303 19.20 15.30 0.05
C ILE A 303 19.25 14.51 1.37
N ARG A 304 18.14 14.51 2.10
CA ARG A 304 18.07 13.78 3.37
C ARG A 304 18.20 12.28 3.13
N SER A 305 17.35 11.75 2.26
CA SER A 305 17.37 10.31 1.95
C SER A 305 18.65 9.87 1.27
N HIS A 306 19.46 10.79 0.75
CA HIS A 306 20.78 10.41 0.25
C HIS A 306 21.82 10.30 1.37
N VAL A 307 21.63 11.08 2.44
CA VAL A 307 22.52 11.00 3.60
C VAL A 307 22.14 9.85 4.57
N LEU A 308 20.84 9.63 4.78
CA LEU A 308 20.32 8.44 5.48
C LEU A 308 20.82 7.12 4.86
N GLU A 309 21.17 7.17 3.57
CA GLU A 309 21.63 6.05 2.76
C GLU A 309 23.08 5.65 2.98
N ASN A 310 23.92 6.63 3.31
CA ASN A 310 25.32 6.34 3.64
C ASN A 310 25.58 6.08 5.11
N LEU A 311 24.72 6.58 6.00
CA LEU A 311 24.96 6.48 7.43
C LEU A 311 24.38 5.24 8.15
N TYR A 312 23.66 4.37 7.43
CA TYR A 312 23.14 3.15 8.10
C TYR A 312 24.16 2.39 8.98
N SER B 6 13.11 3.54 0.02
CA SER B 6 12.88 3.19 -1.41
C SER B 6 11.40 2.89 -1.69
N SER B 7 10.90 3.43 -2.80
CA SER B 7 9.50 3.26 -3.21
C SER B 7 9.11 1.80 -3.42
N VAL B 8 10.04 1.03 -3.98
CA VAL B 8 9.81 -0.38 -4.26
C VAL B 8 9.57 -1.12 -2.96
N TYR B 9 10.41 -0.86 -1.95
CA TYR B 9 10.24 -1.50 -0.65
C TYR B 9 8.86 -1.16 -0.05
N ILE B 10 8.56 0.12 0.00
CA ILE B 10 7.32 0.61 0.62
C ILE B 10 6.09 -0.06 -0.01
N THR B 11 6.05 -0.09 -1.34
CA THR B 11 4.85 -0.54 -2.05
C THR B 11 4.71 -2.06 -1.99
N VAL B 12 5.81 -2.79 -2.15
CA VAL B 12 5.81 -4.26 -2.04
C VAL B 12 5.34 -4.63 -0.63
N GLU B 13 5.87 -3.92 0.35
CA GLU B 13 5.51 -4.13 1.75
C GLU B 13 4.03 -3.85 1.98
N LEU B 14 3.51 -2.79 1.37
CA LEU B 14 2.08 -2.45 1.48
C LEU B 14 1.19 -3.48 0.80
N ALA B 15 1.63 -4.01 -0.35
CA ALA B 15 0.89 -5.07 -1.06
C ALA B 15 0.68 -6.26 -0.15
N ILE B 16 1.76 -6.72 0.46
CA ILE B 16 1.74 -7.85 1.38
C ILE B 16 0.79 -7.61 2.55
N ALA B 17 0.82 -6.41 3.13
CA ALA B 17 -0.11 -6.04 4.20
C ALA B 17 -1.57 -6.23 3.80
N VAL B 18 -1.91 -5.78 2.59
CA VAL B 18 -3.27 -5.92 2.06
C VAL B 18 -3.63 -7.40 1.87
N LEU B 19 -2.78 -8.12 1.14
CA LEU B 19 -2.93 -9.57 0.92
C LEU B 19 -2.99 -10.36 2.24
N ALA B 20 -2.25 -9.91 3.25
CA ALA B 20 -2.27 -10.53 4.57
C ALA B 20 -3.60 -10.33 5.25
N ILE B 21 -4.15 -9.12 5.18
CA ILE B 21 -5.46 -8.84 5.76
C ILE B 21 -6.56 -9.60 5.00
N LEU B 22 -6.53 -9.58 3.67
CA LEU B 22 -7.59 -10.24 2.87
C LEU B 22 -7.66 -11.74 3.09
N GLY B 23 -6.54 -12.43 2.92
CA GLY B 23 -6.47 -13.88 3.10
C GLY B 23 -6.84 -14.38 4.49
N ASN B 24 -6.44 -13.62 5.51
CA ASN B 24 -6.65 -14.03 6.91
C ASN B 24 -8.01 -13.67 7.45
N VAL B 25 -8.56 -12.53 7.03
CA VAL B 25 -9.96 -12.22 7.29
C VAL B 25 -10.82 -13.29 6.62
N LEU B 26 -10.49 -13.66 5.39
CA LEU B 26 -11.22 -14.73 4.70
C LEU B 26 -11.20 -16.04 5.48
N VAL B 27 -10.05 -16.40 6.05
CA VAL B 27 -9.93 -17.60 6.92
C VAL B 27 -10.83 -17.48 8.15
N CYS B 28 -10.75 -16.33 8.83
CA CYS B 28 -11.54 -16.07 10.04
C CYS B 28 -13.04 -16.03 9.77
N TRP B 29 -13.40 -15.34 8.70
CA TRP B 29 -14.80 -15.21 8.27
C TRP B 29 -15.40 -16.58 7.98
N ALA B 30 -14.62 -17.45 7.33
CA ALA B 30 -15.04 -18.83 7.04
C ALA B 30 -15.36 -19.65 8.29
N VAL B 31 -14.63 -19.43 9.39
CA VAL B 31 -14.88 -20.13 10.66
C VAL B 31 -16.15 -19.61 11.35
N TRP B 32 -16.41 -18.31 11.21
CA TRP B 32 -17.60 -17.66 11.78
C TRP B 32 -18.88 -18.16 11.11
N LEU B 33 -18.87 -18.24 9.78
CA LEU B 33 -20.02 -18.68 9.00
C LEU B 33 -20.21 -20.19 9.13
N ASN B 34 -19.21 -20.96 8.69
CA ASN B 34 -19.28 -22.42 8.68
C ASN B 34 -19.27 -23.03 10.10
N SER B 35 -20.28 -23.86 10.36
CA SER B 35 -20.48 -24.52 11.66
C SER B 35 -19.51 -25.68 11.89
N ASN B 36 -19.11 -26.35 10.82
CA ASN B 36 -18.18 -27.49 10.89
C ASN B 36 -16.76 -27.07 11.25
N LEU B 37 -16.40 -25.83 10.90
CA LEU B 37 -15.07 -25.28 11.21
C LEU B 37 -14.95 -24.78 12.65
N GLN B 38 -16.07 -24.72 13.38
CA GLN B 38 -16.09 -24.21 14.75
C GLN B 38 -15.79 -25.31 15.77
N ASN B 39 -14.53 -25.70 15.86
CA ASN B 39 -14.08 -26.73 16.79
C ASN B 39 -12.68 -26.42 17.31
N VAL B 40 -12.26 -27.12 18.36
CA VAL B 40 -11.03 -26.77 19.12
C VAL B 40 -9.78 -26.69 18.23
N THR B 41 -9.61 -27.65 17.32
CA THR B 41 -8.43 -27.65 16.42
C THR B 41 -8.25 -26.35 15.65
N ASN B 42 -9.35 -25.68 15.31
CA ASN B 42 -9.28 -24.41 14.57
C ASN B 42 -9.08 -23.15 15.41
N TYR B 43 -9.12 -23.28 16.74
CA TYR B 43 -8.71 -22.20 17.65
C TYR B 43 -7.27 -21.80 17.33
N PHE B 44 -6.45 -22.82 17.08
CA PHE B 44 -5.04 -22.62 16.73
C PHE B 44 -4.88 -21.97 15.36
N VAL B 45 -5.74 -22.32 14.41
CA VAL B 45 -5.73 -21.71 13.09
C VAL B 45 -6.24 -20.27 13.14
N VAL B 46 -7.29 -20.02 13.93
CA VAL B 46 -7.85 -18.67 14.07
C VAL B 46 -6.90 -17.76 14.82
N SER B 47 -6.21 -18.26 15.85
CA SER B 47 -5.22 -17.45 16.58
C SER B 47 -4.09 -17.02 15.64
N LEU B 48 -3.58 -17.98 14.86
CA LEU B 48 -2.56 -17.72 13.82
C LEU B 48 -3.03 -16.67 12.84
N ALA B 49 -4.26 -16.84 12.34
CA ALA B 49 -4.87 -15.92 11.40
C ALA B 49 -5.07 -14.53 12.00
N ALA B 50 -5.48 -14.48 13.27
CA ALA B 50 -5.63 -13.21 14.00
C ALA B 50 -4.30 -12.46 14.08
N ALA B 51 -3.27 -13.16 14.53
CA ALA B 51 -1.90 -12.63 14.61
C ALA B 51 -1.39 -12.10 13.27
N ASP B 52 -1.68 -12.82 12.18
CA ASP B 52 -1.25 -12.41 10.83
C ASP B 52 -2.00 -11.15 10.35
N ILE B 53 -3.24 -10.97 10.79
CA ILE B 53 -3.97 -9.73 10.51
C ILE B 53 -3.25 -8.57 11.20
N ALA B 54 -2.97 -8.72 12.49
CA ALA B 54 -2.19 -7.72 13.26
C ALA B 54 -0.85 -7.38 12.62
N VAL B 55 -0.21 -8.37 11.98
CA VAL B 55 1.02 -8.15 11.23
C VAL B 55 0.78 -7.23 10.03
N GLY B 56 -0.32 -7.47 9.32
CA GLY B 56 -0.72 -6.64 8.20
C GLY B 56 -1.17 -5.24 8.57
N VAL B 57 -2.00 -5.13 9.60
CA VAL B 57 -2.57 -3.84 10.01
C VAL B 57 -1.57 -3.00 10.79
N LEU B 58 -0.93 -3.60 11.79
CA LEU B 58 -0.06 -2.84 12.72
C LEU B 58 1.43 -3.00 12.44
N ALA B 59 1.90 -4.23 12.32
CA ALA B 59 3.35 -4.50 12.29
C ALA B 59 4.04 -3.97 11.02
N ILE B 60 3.44 -4.19 9.86
CA ILE B 60 4.03 -3.73 8.59
C ILE B 60 4.08 -2.18 8.47
N PRO B 61 2.98 -1.48 8.79
CA PRO B 61 3.09 -0.02 8.84
C PRO B 61 4.16 0.50 9.81
N PHE B 62 4.26 -0.09 10.99
CA PHE B 62 5.35 0.23 11.92
C PHE B 62 6.73 -0.10 11.36
N ALA B 63 6.83 -1.21 10.64
CA ALA B 63 8.09 -1.60 9.98
C ALA B 63 8.51 -0.61 8.89
N ILE B 64 7.52 -0.08 8.18
CA ILE B 64 7.74 0.96 7.16
C ILE B 64 8.34 2.21 7.79
N THR B 65 7.78 2.67 8.91
CA THR B 65 8.31 3.85 9.60
C THR B 65 9.77 3.67 10.02
N ILE B 66 10.11 2.51 10.56
CA ILE B 66 11.49 2.20 10.99
C ILE B 66 12.52 2.27 9.83
N SER B 67 12.05 2.10 8.60
CA SER B 67 12.88 2.17 7.39
C SER B 67 13.27 3.59 7.00
N THR B 68 12.49 4.58 7.42
CA THR B 68 12.66 5.97 7.00
C THR B 68 13.71 6.74 7.79
N GLY B 69 14.03 6.27 9.00
CA GLY B 69 14.94 6.99 9.88
C GLY B 69 14.41 8.36 10.23
N PHE B 70 13.11 8.43 10.52
CA PHE B 70 12.47 9.66 10.94
C PHE B 70 12.96 10.07 12.35
N CYS B 71 12.78 11.35 12.68
CA CYS B 71 13.26 11.90 13.96
C CYS B 71 12.31 11.54 15.09
N ALA B 72 12.86 10.94 16.14
CA ALA B 72 12.08 10.55 17.31
C ALA B 72 13.00 10.29 18.50
N ALA B 73 12.45 10.34 19.71
CA ALA B 73 13.20 9.98 20.91
C ALA B 73 13.57 8.50 20.84
N CYS B 74 14.82 8.17 21.21
CA CYS B 74 15.33 6.81 21.08
C CYS B 74 14.40 5.73 21.65
N HIS B 75 13.84 6.01 22.83
CA HIS B 75 12.96 5.07 23.53
C HIS B 75 11.58 4.97 22.88
N GLY B 76 11.16 6.01 22.17
CA GLY B 76 9.99 5.94 21.32
C GLY B 76 10.24 5.06 20.11
N CYS B 77 11.44 5.18 19.53
CA CYS B 77 11.82 4.34 18.40
C CYS B 77 11.99 2.88 18.79
N LEU B 78 12.52 2.64 19.99
CA LEU B 78 12.67 1.28 20.52
C LEU B 78 11.32 0.59 20.72
N PHE B 79 10.34 1.36 21.19
CA PHE B 79 8.98 0.87 21.45
C PHE B 79 8.30 0.37 20.17
N ILE B 80 8.49 1.10 19.07
CA ILE B 80 7.91 0.74 17.77
C ILE B 80 8.55 -0.54 17.23
N ALA B 81 9.89 -0.58 17.30
CA ALA B 81 10.66 -1.76 16.88
C ALA B 81 10.28 -2.98 17.70
N CYS B 82 10.09 -2.77 19.01
CA CYS B 82 9.67 -3.84 19.91
C CYS B 82 8.26 -4.33 19.60
N PHE B 83 7.39 -3.42 19.15
CA PHE B 83 6.01 -3.77 18.79
C PHE B 83 5.96 -4.63 17.52
N VAL B 84 6.86 -4.35 16.58
CA VAL B 84 7.05 -5.16 15.38
C VAL B 84 7.50 -6.59 15.76
N LEU B 85 8.41 -6.69 16.73
CA LEU B 85 8.93 -7.98 17.20
C LEU B 85 7.87 -8.83 17.89
N VAL B 86 7.07 -8.21 18.77
CA VAL B 86 6.01 -8.90 19.50
C VAL B 86 5.00 -9.54 18.54
N LEU B 87 4.51 -8.77 17.58
CA LEU B 87 3.46 -9.23 16.66
C LEU B 87 3.91 -10.33 15.70
N THR B 88 5.13 -10.19 15.18
CA THR B 88 5.74 -11.22 14.35
C THR B 88 6.04 -12.48 15.16
N GLN B 89 6.43 -12.31 16.42
CA GLN B 89 6.68 -13.46 17.31
C GLN B 89 5.42 -14.27 17.55
N SER B 90 4.31 -13.58 17.82
CA SER B 90 3.02 -14.24 18.04
C SER B 90 2.58 -15.03 16.81
N SER B 91 2.80 -14.48 15.62
CA SER B 91 2.58 -15.22 14.38
C SER B 91 3.40 -16.51 14.33
N ILE B 92 4.67 -16.46 14.73
CA ILE B 92 5.53 -17.66 14.74
C ILE B 92 5.09 -18.65 15.83
N PHE B 93 4.79 -18.16 17.02
CA PHE B 93 4.40 -19.04 18.13
C PHE B 93 3.03 -19.68 17.93
N SER B 94 2.08 -18.95 17.38
CA SER B 94 0.77 -19.53 17.03
C SER B 94 0.88 -20.57 15.91
N LEU B 95 1.89 -20.41 15.05
CA LEU B 95 2.24 -21.39 14.01
C LEU B 95 2.80 -22.68 14.64
N LEU B 96 3.66 -22.50 15.64
CA LEU B 96 4.23 -23.60 16.40
C LEU B 96 3.14 -24.38 17.13
N ALA B 97 2.16 -23.65 17.69
CA ALA B 97 1.03 -24.25 18.39
C ALA B 97 0.24 -25.22 17.52
N ILE B 98 0.08 -24.90 16.24
CA ILE B 98 -0.57 -25.81 15.30
C ILE B 98 0.23 -27.12 15.20
N ALA B 99 1.55 -27.00 15.09
CA ALA B 99 2.43 -28.18 15.00
C ALA B 99 2.40 -29.05 16.27
N ILE B 100 2.35 -28.42 17.44
CA ILE B 100 2.26 -29.14 18.71
C ILE B 100 0.91 -29.85 18.82
N ASP B 101 -0.17 -29.20 18.37
CA ASP B 101 -1.51 -29.80 18.29
C ASP B 101 -1.51 -31.05 17.41
N ARG B 102 -0.98 -30.93 16.19
CA ARG B 102 -0.91 -32.05 15.26
C ARG B 102 0.01 -33.15 15.76
N TYR B 103 1.02 -32.77 16.55
CA TYR B 103 1.92 -33.74 17.15
C TYR B 103 1.20 -34.58 18.19
N ILE B 104 0.43 -33.93 19.07
CA ILE B 104 -0.40 -34.64 20.07
C ILE B 104 -1.38 -35.56 19.34
N ALA B 105 -2.02 -35.03 18.30
CA ALA B 105 -3.00 -35.78 17.50
C ALA B 105 -2.46 -37.08 16.90
N ILE B 106 -1.24 -37.04 16.38
CA ILE B 106 -0.67 -38.21 15.70
C ILE B 106 0.07 -39.13 16.69
N ARG B 107 0.76 -38.55 17.67
CA ARG B 107 1.55 -39.33 18.64
C ARG B 107 0.68 -39.95 19.74
N ILE B 108 -0.29 -39.20 20.25
CA ILE B 108 -1.18 -39.64 21.34
C ILE B 108 -2.64 -39.53 20.85
N PRO B 109 -3.06 -40.39 19.91
CA PRO B 109 -4.32 -40.14 19.21
C PRO B 109 -5.58 -40.38 20.04
N LEU B 110 -5.47 -41.23 21.06
CA LEU B 110 -6.62 -41.56 21.88
C LEU B 110 -6.91 -40.44 22.89
N ARG B 111 -5.89 -40.07 23.68
CA ARG B 111 -6.02 -38.96 24.66
C ARG B 111 -6.17 -37.55 24.07
N TYR B 112 -6.00 -37.38 22.75
CA TYR B 112 -6.14 -36.07 22.10
C TYR B 112 -7.34 -35.25 22.59
N ASN B 113 -8.53 -35.83 22.58
CA ASN B 113 -9.74 -35.11 22.99
C ASN B 113 -9.80 -34.81 24.49
N GLY B 114 -9.14 -35.65 25.29
CA GLY B 114 -9.03 -35.46 26.74
C GLY B 114 -7.94 -34.50 27.14
N LEU B 115 -6.88 -34.40 26.34
CA LEU B 115 -5.81 -33.41 26.56
C LEU B 115 -6.15 -32.05 25.96
N VAL B 116 -6.54 -32.04 24.69
CA VAL B 116 -6.77 -30.80 23.93
C VAL B 116 -8.22 -30.35 24.08
N THR B 117 -8.54 -29.76 25.23
CA THR B 117 -9.87 -29.19 25.48
C THR B 117 -9.90 -27.74 25.02
N GLY B 118 -11.10 -27.21 24.83
CA GLY B 118 -11.28 -25.82 24.40
C GLY B 118 -10.69 -24.79 25.35
N THR B 119 -10.75 -25.08 26.66
CA THR B 119 -10.21 -24.18 27.69
C THR B 119 -8.69 -24.26 27.74
N ARG B 120 -8.14 -25.46 27.66
CA ARG B 120 -6.68 -25.64 27.63
C ARG B 120 -6.05 -25.10 26.34
N ALA B 121 -6.79 -25.12 25.24
CA ALA B 121 -6.34 -24.51 23.99
C ALA B 121 -6.19 -22.99 24.12
N LYS B 122 -7.09 -22.36 24.89
CA LYS B 122 -7.00 -20.93 25.20
C LYS B 122 -5.79 -20.64 26.09
N GLY B 123 -5.50 -21.55 27.02
CA GLY B 123 -4.29 -21.48 27.83
C GLY B 123 -3.04 -21.41 26.97
N ILE B 124 -2.90 -22.37 26.06
CA ILE B 124 -1.78 -22.43 25.12
C ILE B 124 -1.67 -21.13 24.29
N ILE B 125 -2.80 -20.68 23.74
CA ILE B 125 -2.81 -19.47 22.90
C ILE B 125 -2.40 -18.23 23.72
N ALA B 126 -2.87 -18.12 24.96
CA ALA B 126 -2.46 -17.03 25.84
C ALA B 126 -0.96 -17.05 26.12
N ILE B 127 -0.41 -18.23 26.41
CA ILE B 127 1.02 -18.39 26.61
C ILE B 127 1.79 -17.92 25.38
N CYS B 128 1.30 -18.24 24.17
CA CYS B 128 1.94 -17.75 22.93
C CYS B 128 2.07 -16.24 22.91
N TRP B 129 1.03 -15.53 23.35
CA TRP B 129 1.03 -14.07 23.35
C TRP B 129 1.78 -13.45 24.53
N VAL B 130 1.79 -14.13 25.67
CA VAL B 130 2.59 -13.63 26.80
C VAL B 130 4.09 -13.80 26.50
N LEU B 131 4.50 -14.94 25.94
CA LEU B 131 5.88 -15.13 25.46
C LEU B 131 6.29 -14.13 24.38
N SER B 132 5.34 -13.73 23.53
CA SER B 132 5.63 -12.71 22.52
C SER B 132 5.95 -11.35 23.13
N PHE B 133 5.14 -10.92 24.10
CA PHE B 133 5.36 -9.64 24.80
C PHE B 133 6.64 -9.68 25.62
N ALA B 134 6.78 -10.73 26.44
CA ALA B 134 7.99 -10.93 27.26
C ALA B 134 9.29 -10.83 26.47
N ILE B 135 9.34 -11.44 25.29
CA ILE B 135 10.56 -11.49 24.48
C ILE B 135 10.73 -10.23 23.64
N GLY B 136 9.65 -9.82 22.96
CA GLY B 136 9.66 -8.64 22.09
C GLY B 136 9.82 -7.31 22.83
N LEU B 137 9.38 -7.25 24.09
CA LEU B 137 9.57 -6.04 24.92
C LEU B 137 10.83 -6.09 25.80
N THR B 138 11.57 -7.20 25.80
CA THR B 138 12.80 -7.30 26.60
C THR B 138 13.76 -6.12 26.39
N PRO B 139 13.94 -5.65 25.14
CA PRO B 139 14.78 -4.46 24.94
C PRO B 139 14.30 -3.18 25.65
N MET B 140 12.99 -3.06 25.88
CA MET B 140 12.46 -1.90 26.64
C MET B 140 12.94 -1.85 28.09
N LEU B 141 13.22 -3.01 28.67
CA LEU B 141 13.65 -3.12 30.07
C LEU B 141 15.07 -2.62 30.34
N GLY B 142 15.83 -2.30 29.28
CA GLY B 142 17.20 -1.81 29.45
C GLY B 142 18.18 -2.34 28.41
N TRP B 143 17.91 -3.53 27.88
CA TRP B 143 18.79 -4.14 26.87
C TRP B 143 18.62 -3.49 25.49
N ASN B 144 19.13 -2.27 25.35
CA ASN B 144 19.01 -1.48 24.12
C ASN B 144 20.26 -0.66 23.85
N ASN B 145 20.33 -0.08 22.65
CA ASN B 145 21.47 0.75 22.23
C ASN B 145 21.27 2.25 22.49
N CYS B 146 20.23 2.62 23.25
CA CYS B 146 19.91 4.04 23.49
C CYS B 146 20.95 4.81 24.31
N GLY B 147 21.83 4.12 25.02
CA GLY B 147 22.96 4.76 25.69
C GLY B 147 23.96 5.40 24.73
N GLN B 148 24.08 4.82 23.52
CA GLN B 148 25.04 5.26 22.50
C GLN B 148 24.34 5.71 21.21
N PRO B 149 23.62 6.85 21.24
CA PRO B 149 22.92 7.32 20.04
C PRO B 149 23.86 7.74 18.91
N LYS B 150 23.32 7.80 17.69
CA LYS B 150 24.03 8.27 16.50
C LYS B 150 23.67 9.72 16.22
N GLU B 151 24.54 10.64 16.66
CA GLU B 151 24.32 12.09 16.51
C GLU B 151 24.54 12.54 15.06
N GLY B 152 25.51 11.92 14.38
CA GLY B 152 25.76 12.17 12.96
C GLY B 152 24.57 11.90 12.05
N LYS B 153 23.86 10.80 12.31
CA LYS B 153 22.61 10.47 11.62
C LYS B 153 21.48 11.39 12.05
N ALA B 154 21.43 11.70 13.34
CA ALA B 154 20.43 12.61 13.90
C ALA B 154 20.55 14.01 13.29
N HIS B 155 21.78 14.45 13.04
CA HIS B 155 22.04 15.74 12.41
C HIS B 155 21.55 15.77 10.97
N SER B 156 21.89 14.74 10.19
CA SER B 156 21.44 14.57 8.80
C SER B 156 19.93 14.73 8.60
N GLN B 157 19.16 14.22 9.55
CA GLN B 157 17.71 14.32 9.49
C GLN B 157 17.15 15.56 10.19
N GLY B 158 18.03 16.45 10.66
CA GLY B 158 17.62 17.69 11.29
C GLY B 158 16.86 17.49 12.59
N CYS B 159 17.29 16.50 13.37
CA CYS B 159 16.62 16.15 14.63
C CYS B 159 17.07 17.08 15.76
N GLY B 160 16.13 17.44 16.64
CA GLY B 160 16.43 18.22 17.84
C GLY B 160 17.29 17.43 18.82
N GLU B 161 17.83 18.11 19.82
CA GLU B 161 18.68 17.46 20.85
C GLU B 161 17.87 16.42 21.63
N GLY B 162 18.46 15.23 21.81
CA GLY B 162 17.77 14.11 22.43
C GLY B 162 16.83 13.35 21.50
N GLN B 163 17.03 13.51 20.19
CA GLN B 163 16.34 12.71 19.16
C GLN B 163 17.38 12.02 18.27
N VAL B 164 16.96 10.93 17.64
CA VAL B 164 17.83 10.15 16.75
C VAL B 164 17.06 9.73 15.50
N ALA B 165 17.81 9.32 14.47
CA ALA B 165 17.22 8.72 13.28
C ALA B 165 16.67 7.34 13.66
N CYS B 166 15.35 7.18 13.57
CA CYS B 166 14.68 5.97 14.02
C CYS B 166 14.91 4.78 13.06
N LEU B 167 15.98 4.03 13.30
CA LEU B 167 16.32 2.82 12.54
C LEU B 167 16.39 1.59 13.46
N PHE B 168 16.07 0.43 12.90
CA PHE B 168 15.97 -0.80 13.68
C PHE B 168 17.30 -1.20 14.32
N GLU B 169 18.34 -1.31 13.50
CA GLU B 169 19.67 -1.72 13.96
C GLU B 169 20.37 -0.66 14.81
N ASP B 170 19.79 0.54 14.90
CA ASP B 170 20.30 1.60 15.78
C ASP B 170 19.84 1.47 17.22
N VAL B 171 18.61 1.01 17.43
CA VAL B 171 18.00 0.90 18.78
C VAL B 171 18.00 -0.53 19.35
N VAL B 172 17.76 -1.52 18.50
CA VAL B 172 17.68 -2.92 18.91
C VAL B 172 19.08 -3.55 18.77
N PRO B 173 19.69 -4.00 19.89
CA PRO B 173 21.05 -4.57 19.82
C PRO B 173 21.08 -5.90 19.08
N MET B 174 22.18 -6.15 18.38
CA MET B 174 22.32 -7.38 17.59
C MET B 174 22.58 -8.63 18.43
N ASN B 175 23.12 -8.46 19.64
CA ASN B 175 23.25 -9.61 20.56
C ASN B 175 21.90 -10.15 21.02
N TYR B 176 20.97 -9.24 21.33
CA TYR B 176 19.57 -9.61 21.57
C TYR B 176 18.97 -10.36 20.39
N MET B 177 19.14 -9.82 19.19
CA MET B 177 18.59 -10.44 17.99
C MET B 177 19.20 -11.81 17.71
N VAL B 178 20.49 -11.97 17.92
CA VAL B 178 21.16 -13.24 17.59
C VAL B 178 21.07 -14.28 18.72
N TYR B 179 21.37 -13.86 19.95
CA TYR B 179 21.47 -14.83 21.08
C TYR B 179 20.13 -15.19 21.71
N PHE B 180 19.20 -14.24 21.74
CA PHE B 180 17.90 -14.45 22.36
C PHE B 180 16.80 -14.63 21.30
N ASN B 181 16.60 -13.63 20.47
CA ASN B 181 15.47 -13.60 19.51
C ASN B 181 15.54 -14.67 18.41
N PHE B 182 16.67 -14.77 17.73
CA PHE B 182 16.85 -15.76 16.66
C PHE B 182 16.77 -17.19 17.21
N PHE B 183 17.42 -17.42 18.35
CA PHE B 183 17.46 -18.72 19.01
C PHE B 183 16.09 -19.14 19.53
N ALA B 184 15.46 -18.27 20.32
CA ALA B 184 14.16 -18.54 20.94
C ALA B 184 12.99 -18.54 19.95
N CYS B 185 12.97 -17.58 19.04
CA CYS B 185 11.78 -17.33 18.22
C CYS B 185 11.81 -17.87 16.80
N VAL B 186 12.99 -18.18 16.27
CA VAL B 186 13.07 -18.71 14.90
C VAL B 186 13.67 -20.12 14.88
N LEU B 187 14.86 -20.28 15.45
CA LEU B 187 15.65 -21.50 15.33
C LEU B 187 15.00 -22.68 16.06
N VAL B 188 14.64 -22.45 17.32
CA VAL B 188 14.00 -23.50 18.13
C VAL B 188 12.67 -23.93 17.49
N PRO B 189 11.74 -22.98 17.27
CA PRO B 189 10.51 -23.30 16.53
C PRO B 189 10.71 -24.09 15.24
N LEU B 190 11.65 -23.64 14.41
CA LEU B 190 11.99 -24.35 13.16
C LEU B 190 12.42 -25.79 13.41
N LEU B 191 13.32 -25.99 14.37
CA LEU B 191 13.79 -27.34 14.73
C LEU B 191 12.65 -28.22 15.26
N LEU B 192 11.83 -27.64 16.15
CA LEU B 192 10.68 -28.35 16.69
C LEU B 192 9.69 -28.72 15.61
N MET B 193 9.37 -27.76 14.72
CA MET B 193 8.42 -27.97 13.63
C MET B 193 8.93 -29.01 12.65
N LEU B 194 10.20 -28.92 12.28
CA LEU B 194 10.87 -29.88 11.42
C LEU B 194 10.73 -31.30 11.99
N GLY B 195 11.06 -31.44 13.28
CA GLY B 195 10.98 -32.72 13.98
C GLY B 195 9.58 -33.28 14.08
N VAL B 196 8.63 -32.38 14.38
CA VAL B 196 7.22 -32.72 14.52
C VAL B 196 6.64 -33.19 13.20
N TYR B 197 6.91 -32.45 12.13
CA TYR B 197 6.32 -32.78 10.84
C TYR B 197 6.94 -34.04 10.24
N LEU B 198 8.23 -34.28 10.50
CA LEU B 198 8.85 -35.53 10.04
C LEU B 198 8.29 -36.76 10.75
N ARG B 199 7.87 -36.61 12.01
CA ARG B 199 7.21 -37.68 12.77
C ARG B 199 5.79 -37.94 12.31
N ILE B 200 5.08 -36.88 11.92
CA ILE B 200 3.73 -36.99 11.34
C ILE B 200 3.79 -37.64 9.96
N PHE B 201 4.80 -37.28 9.16
CA PHE B 201 5.04 -37.93 7.87
C PHE B 201 5.27 -39.44 8.02
N LEU B 202 6.14 -39.83 8.96
CA LEU B 202 6.46 -41.23 9.23
C LEU B 202 5.22 -42.07 9.59
N ALA B 203 4.33 -41.47 10.38
CA ALA B 203 3.06 -42.10 10.73
C ALA B 203 2.16 -42.29 9.49
N ALA B 204 2.16 -41.28 8.62
CA ALA B 204 1.42 -41.33 7.37
C ALA B 204 1.95 -42.41 6.42
N ARG B 205 3.28 -42.53 6.33
CA ARG B 205 3.86 -43.54 5.44
C ARG B 205 3.66 -44.96 5.99
N ARG B 206 3.59 -45.10 7.32
CA ARG B 206 3.27 -46.37 7.99
C ARG B 206 1.87 -46.87 7.58
N GLN B 207 0.87 -46.00 7.50
CA GLN B 207 -0.25 -46.33 6.61
C GLN B 207 0.24 -46.34 5.16
N THR B 224 0.89 -47.66 -2.62
CA THR B 224 1.32 -46.74 -3.66
C THR B 224 2.22 -45.61 -3.12
N LEU B 225 3.46 -45.64 -3.59
CA LEU B 225 4.42 -44.66 -3.16
C LEU B 225 4.20 -43.29 -3.80
N GLN B 226 3.34 -43.17 -4.82
CA GLN B 226 2.82 -41.86 -5.27
C GLN B 226 2.08 -41.08 -4.17
N LYS B 227 1.31 -41.79 -3.34
CA LYS B 227 0.65 -41.16 -2.19
C LYS B 227 1.64 -40.73 -1.10
N GLU B 228 2.68 -41.53 -0.86
CA GLU B 228 3.74 -41.19 0.10
C GLU B 228 4.58 -39.96 -0.32
N VAL B 229 4.91 -39.90 -1.60
CA VAL B 229 5.64 -38.78 -2.22
C VAL B 229 4.82 -37.48 -2.12
N HIS B 230 3.52 -37.57 -2.43
CA HIS B 230 2.60 -36.45 -2.23
C HIS B 230 2.55 -35.96 -0.78
N ALA B 231 2.50 -36.89 0.17
CA ALA B 231 2.48 -36.54 1.60
C ALA B 231 3.77 -35.81 2.03
N ALA B 232 4.90 -36.42 1.67
CA ALA B 232 6.24 -35.88 1.96
C ALA B 232 6.40 -34.45 1.42
N LYS B 233 5.94 -34.27 0.18
CA LYS B 233 5.94 -32.97 -0.51
C LYS B 233 5.15 -31.94 0.28
N SER B 234 3.93 -32.30 0.71
CA SER B 234 3.07 -31.38 1.44
C SER B 234 3.68 -30.90 2.77
N LEU B 235 4.35 -31.80 3.48
CA LEU B 235 5.01 -31.43 4.75
C LEU B 235 6.33 -30.68 4.55
N ALA B 236 7.02 -30.99 3.45
CA ALA B 236 8.19 -30.25 3.02
C ALA B 236 7.86 -28.79 2.75
N ILE B 237 6.70 -28.55 2.13
CA ILE B 237 6.24 -27.21 1.81
C ILE B 237 6.01 -26.37 3.08
N ILE B 238 5.32 -26.93 4.08
CA ILE B 238 5.11 -26.22 5.35
C ILE B 238 6.44 -25.69 5.93
N VAL B 239 7.38 -26.61 6.15
CA VAL B 239 8.61 -26.26 6.87
C VAL B 239 9.56 -25.47 5.97
N GLY B 240 9.62 -25.88 4.71
CA GLY B 240 10.38 -25.17 3.68
C GLY B 240 9.99 -23.72 3.52
N LEU B 241 8.70 -23.41 3.49
CA LEU B 241 8.26 -22.01 3.40
C LEU B 241 8.61 -21.21 4.64
N PHE B 242 8.41 -21.79 5.83
CA PHE B 242 8.83 -21.10 7.08
C PHE B 242 10.33 -20.75 7.09
N ALA B 243 11.14 -21.70 6.62
CA ALA B 243 12.58 -21.50 6.54
C ALA B 243 12.95 -20.48 5.47
N LEU B 244 12.26 -20.54 4.33
CA LEU B 244 12.44 -19.59 3.22
C LEU B 244 12.10 -18.16 3.62
N CYS B 245 11.04 -18.01 4.42
CA CYS B 245 10.60 -16.68 4.84
C CYS B 245 11.50 -16.05 5.92
N TRP B 246 11.83 -16.84 6.95
CA TRP B 246 12.45 -16.31 8.18
C TRP B 246 13.97 -16.38 8.26
N LEU B 247 14.59 -17.42 7.68
CA LEU B 247 16.04 -17.59 7.78
C LEU B 247 16.88 -16.49 7.11
N PRO B 248 16.50 -16.03 5.88
CA PRO B 248 17.31 -15.00 5.22
C PRO B 248 17.66 -13.80 6.10
N LEU B 249 16.64 -13.17 6.68
CA LEU B 249 16.86 -11.99 7.51
C LEU B 249 17.69 -12.30 8.76
N HIS B 250 17.42 -13.43 9.41
CA HIS B 250 18.14 -13.77 10.63
C HIS B 250 19.55 -14.31 10.40
N ILE B 251 19.75 -15.05 9.29
CA ILE B 251 21.09 -15.41 8.81
C ILE B 251 21.91 -14.15 8.61
N ILE B 252 21.33 -13.18 7.90
CA ILE B 252 21.99 -11.91 7.67
C ILE B 252 22.32 -11.23 9.01
N ASN B 253 21.38 -11.24 9.95
CA ASN B 253 21.62 -10.68 11.29
C ASN B 253 22.81 -11.31 12.01
N CYS B 254 23.00 -12.62 11.85
CA CYS B 254 24.17 -13.29 12.43
C CYS B 254 25.48 -12.81 11.79
N PHE B 255 25.46 -12.68 10.46
CA PHE B 255 26.57 -12.13 9.68
C PHE B 255 26.97 -10.74 10.21
N THR B 256 25.96 -9.86 10.33
CA THR B 256 26.13 -8.51 10.88
C THR B 256 26.73 -8.51 12.28
N PHE B 257 26.23 -9.39 13.14
CA PHE B 257 26.69 -9.44 14.54
C PHE B 257 28.10 -9.99 14.69
N PHE B 258 28.37 -11.11 14.02
CA PHE B 258 29.65 -11.81 14.16
C PHE B 258 30.78 -11.22 13.33
N CYS B 259 30.45 -10.41 12.31
CA CYS B 259 31.44 -9.67 11.54
C CYS B 259 31.18 -8.16 11.63
N PRO B 260 31.61 -7.53 12.73
CA PRO B 260 31.44 -6.08 12.85
C PRO B 260 32.36 -5.27 11.93
N ASP B 261 33.45 -5.90 11.46
CA ASP B 261 34.42 -5.26 10.55
C ASP B 261 33.95 -5.28 9.09
N CYS B 262 33.19 -6.32 8.70
CA CYS B 262 32.59 -6.41 7.37
C CYS B 262 31.76 -5.18 7.06
N SER B 263 31.82 -4.72 5.82
CA SER B 263 30.90 -3.71 5.32
C SER B 263 29.50 -4.32 5.36
N HIS B 264 28.52 -3.56 5.85
CA HIS B 264 27.21 -4.11 6.17
C HIS B 264 26.47 -4.57 4.91
N ALA B 265 25.61 -5.56 5.10
CA ALA B 265 24.76 -6.07 4.02
C ALA B 265 24.01 -4.91 3.34
N PRO B 266 23.94 -4.94 2.00
CA PRO B 266 23.37 -3.81 1.27
C PRO B 266 21.89 -3.61 1.57
N LEU B 267 21.42 -2.37 1.43
CA LEU B 267 20.07 -2.02 1.86
C LEU B 267 18.96 -2.65 1.03
N TRP B 268 19.25 -2.98 -0.24
CA TRP B 268 18.29 -3.71 -1.07
C TRP B 268 18.10 -5.14 -0.56
N LEU B 269 19.17 -5.75 -0.06
CA LEU B 269 19.12 -7.10 0.52
C LEU B 269 18.34 -7.09 1.83
N MET B 270 18.52 -6.02 2.62
CA MET B 270 17.75 -5.87 3.85
C MET B 270 16.25 -5.79 3.55
N TYR B 271 15.86 -4.92 2.62
CA TYR B 271 14.46 -4.78 2.21
C TYR B 271 13.87 -6.09 1.66
N LEU B 272 14.66 -6.82 0.87
CA LEU B 272 14.25 -8.13 0.36
C LEU B 272 13.97 -9.12 1.49
N ALA B 273 14.90 -9.20 2.46
CA ALA B 273 14.79 -10.15 3.57
C ALA B 273 13.66 -9.81 4.54
N ILE B 274 13.51 -8.52 4.82
CA ILE B 274 12.43 -8.01 5.67
C ILE B 274 11.08 -8.33 5.03
N VAL B 275 10.95 -8.00 3.75
CA VAL B 275 9.76 -8.34 2.96
C VAL B 275 9.49 -9.85 3.01
N LEU B 276 10.53 -10.67 2.78
CA LEU B 276 10.37 -12.13 2.84
C LEU B 276 9.81 -12.61 4.17
N SER B 277 10.31 -12.08 5.27
CA SER B 277 9.82 -12.45 6.61
C SER B 277 8.32 -12.13 6.79
N HIS B 278 7.88 -11.00 6.25
CA HIS B 278 6.47 -10.62 6.34
C HIS B 278 5.57 -11.45 5.43
N THR B 279 6.13 -11.97 4.34
CA THR B 279 5.40 -12.83 3.41
C THR B 279 5.05 -14.21 3.98
N ASN B 280 5.53 -14.55 5.18
CA ASN B 280 5.00 -15.71 5.91
C ASN B 280 3.51 -15.54 6.23
N SER B 281 3.10 -14.30 6.48
CA SER B 281 1.71 -13.96 6.80
C SER B 281 0.72 -14.02 5.61
N VAL B 282 1.24 -14.10 4.37
CA VAL B 282 0.43 -14.28 3.17
C VAL B 282 0.26 -15.77 2.83
N VAL B 283 1.33 -16.53 2.96
CA VAL B 283 1.29 -17.98 2.71
C VAL B 283 0.74 -18.82 3.88
N ASN B 284 0.75 -18.27 5.11
CA ASN B 284 0.20 -18.95 6.30
C ASN B 284 -1.28 -19.27 6.22
N PRO B 285 -2.12 -18.28 5.83
CA PRO B 285 -3.43 -18.66 5.36
C PRO B 285 -3.41 -19.84 4.42
N PHE B 286 -2.72 -19.73 3.28
CA PHE B 286 -2.90 -20.71 2.20
C PHE B 286 -2.58 -22.12 2.69
N ILE B 287 -1.31 -22.37 2.98
CA ILE B 287 -0.86 -23.73 3.30
C ILE B 287 -1.69 -24.39 4.43
N TYR B 288 -1.96 -23.65 5.50
CA TYR B 288 -2.72 -24.24 6.61
C TYR B 288 -4.21 -24.44 6.24
N ALA B 289 -4.90 -23.34 6.03
CA ALA B 289 -6.35 -23.38 5.84
C ALA B 289 -6.74 -23.98 4.49
N TYR B 290 -6.07 -23.53 3.43
CA TYR B 290 -6.38 -24.00 2.08
C TYR B 290 -6.06 -25.50 1.89
N ARG B 291 -5.33 -26.12 2.83
CA ARG B 291 -5.16 -27.59 2.81
C ARG B 291 -6.32 -28.36 3.46
N ILE B 292 -7.33 -27.67 3.97
CA ILE B 292 -8.55 -28.30 4.46
C ILE B 292 -9.66 -28.14 3.42
N ARG B 293 -10.22 -29.26 2.99
CA ARG B 293 -11.35 -29.28 2.04
C ARG B 293 -12.52 -28.42 2.53
N GLU B 294 -12.86 -28.60 3.80
CA GLU B 294 -13.93 -27.82 4.46
C GLU B 294 -13.73 -26.31 4.34
N PHE B 295 -12.49 -25.83 4.49
CA PHE B 295 -12.16 -24.43 4.24
C PHE B 295 -12.31 -24.09 2.74
N ARG B 296 -11.80 -24.97 1.88
CA ARG B 296 -11.84 -24.78 0.41
C ARG B 296 -13.26 -24.60 -0.15
N GLN B 297 -14.19 -25.43 0.30
CA GLN B 297 -15.59 -25.34 -0.15
C GLN B 297 -16.27 -24.08 0.38
N THR B 298 -15.98 -23.73 1.64
CA THR B 298 -16.46 -22.50 2.26
C THR B 298 -15.99 -21.26 1.52
N PHE B 299 -14.74 -21.27 1.05
CA PHE B 299 -14.22 -20.16 0.24
C PHE B 299 -14.98 -19.98 -1.07
N ARG B 300 -15.42 -21.09 -1.69
CA ARG B 300 -16.24 -21.03 -2.92
C ARG B 300 -17.55 -20.29 -2.68
N LYS B 301 -18.28 -20.75 -1.67
CA LYS B 301 -19.58 -20.19 -1.33
C LYS B 301 -19.51 -18.70 -0.98
N ILE B 302 -18.38 -18.26 -0.42
CA ILE B 302 -18.20 -16.86 -0.02
C ILE B 302 -17.94 -15.95 -1.24
N ILE B 303 -16.99 -16.35 -2.08
CA ILE B 303 -16.67 -15.62 -3.32
C ILE B 303 -17.85 -15.61 -4.29
N ARG B 304 -18.53 -16.76 -4.40
CA ARG B 304 -19.71 -16.86 -5.26
C ARG B 304 -20.82 -15.92 -4.78
N SER B 305 -21.21 -16.05 -3.52
CA SER B 305 -22.27 -15.23 -2.95
C SER B 305 -21.88 -13.77 -2.86
N THR C 16 -14.90 22.45 -18.98
CA THR C 16 -16.24 22.86 -18.46
C THR C 16 -16.19 22.93 -16.94
N HIS C 17 -16.82 23.97 -16.36
CA HIS C 17 -16.70 24.29 -14.92
C HIS C 17 -17.92 23.87 -14.11
N ARG C 18 -17.67 22.97 -13.16
CA ARG C 18 -18.73 22.37 -12.34
C ARG C 18 -19.04 23.23 -11.13
N LEU C 19 -20.33 23.43 -10.86
CA LEU C 19 -20.79 24.25 -9.73
C LEU C 19 -21.79 23.48 -8.88
N LEU C 20 -21.74 23.74 -7.57
CA LEU C 20 -22.69 23.13 -6.63
C LEU C 20 -23.63 24.21 -6.10
N LEU C 21 -24.88 24.18 -6.56
CA LEU C 21 -25.93 25.10 -6.08
C LEU C 21 -26.60 24.55 -4.82
N LEU C 22 -26.72 25.36 -3.78
CA LEU C 22 -27.42 24.94 -2.58
C LEU C 22 -27.87 26.07 -1.66
N GLY C 23 -28.87 25.78 -0.84
CA GLY C 23 -29.60 26.77 -0.05
C GLY C 23 -30.97 26.26 0.35
N ALA C 24 -31.64 26.99 1.23
CA ALA C 24 -32.95 26.60 1.74
C ALA C 24 -34.10 26.65 0.72
N ASP C 25 -35.21 26.05 1.12
CA ASP C 25 -36.50 26.25 0.46
C ASP C 25 -36.94 27.72 0.53
N ASN C 26 -37.61 28.18 -0.53
CA ASN C 26 -38.00 29.57 -0.66
C ASN C 26 -36.85 30.56 -0.38
N SER C 27 -35.64 30.13 -0.74
CA SER C 27 -34.47 31.00 -0.73
C SER C 27 -34.22 31.54 -2.15
N GLY C 28 -35.15 31.26 -3.07
CA GLY C 28 -34.99 31.69 -4.44
C GLY C 28 -33.91 30.97 -5.19
N LYS C 29 -33.37 29.88 -4.65
CA LYS C 29 -32.32 29.12 -5.34
C LYS C 29 -32.83 28.51 -6.65
N SER C 30 -34.15 28.39 -6.78
CA SER C 30 -34.76 27.83 -7.98
C SER C 30 -35.00 28.93 -9.03
N THR C 31 -35.15 30.17 -8.57
CA THR C 31 -35.37 31.29 -9.48
C THR C 31 -34.06 31.78 -10.10
N ILE C 32 -32.98 31.78 -9.31
CA ILE C 32 -31.64 32.11 -9.78
C ILE C 32 -31.25 31.22 -10.95
N VAL C 33 -31.60 29.93 -10.86
CA VAL C 33 -31.37 28.96 -11.92
C VAL C 33 -32.41 29.07 -13.05
N LYS C 34 -33.60 29.59 -12.74
CA LYS C 34 -34.62 29.87 -13.76
C LYS C 34 -34.21 31.01 -14.71
N GLN C 35 -33.79 32.14 -14.12
CA GLN C 35 -33.29 33.29 -14.86
C GLN C 35 -32.12 32.91 -15.80
N MET C 36 -31.18 32.13 -15.26
CA MET C 36 -30.01 31.65 -16.03
C MET C 36 -30.42 30.80 -17.25
N ARG C 37 -31.55 30.09 -17.15
CA ARG C 37 -32.17 29.41 -18.29
C ARG C 37 -33.21 30.32 -18.94
N PHE C 53 -32.79 20.41 -12.27
CA PHE C 53 -31.73 20.24 -11.27
C PHE C 53 -30.33 20.46 -11.87
N GLU C 54 -29.97 19.69 -12.90
CA GLU C 54 -28.71 19.88 -13.63
C GLU C 54 -28.88 21.01 -14.63
N THR C 55 -27.97 21.98 -14.60
CA THR C 55 -28.07 23.20 -15.40
C THR C 55 -26.71 23.59 -15.96
N LYS C 56 -26.61 23.67 -17.28
CA LYS C 56 -25.36 24.02 -17.96
C LYS C 56 -25.57 25.30 -18.76
N PHE C 57 -24.83 26.35 -18.41
CA PHE C 57 -24.98 27.66 -19.08
C PHE C 57 -23.67 28.19 -19.63
N GLN C 58 -23.77 29.07 -20.63
CA GLN C 58 -22.64 29.63 -21.38
C GLN C 58 -22.39 31.08 -20.96
N VAL C 59 -21.18 31.41 -20.53
CA VAL C 59 -20.76 32.82 -20.34
C VAL C 59 -19.35 33.06 -20.88
N ASP C 60 -19.21 34.09 -21.71
CA ASP C 60 -17.93 34.45 -22.35
C ASP C 60 -17.24 33.25 -23.02
N LYS C 61 -18.05 32.44 -23.70
CA LYS C 61 -17.60 31.19 -24.33
C LYS C 61 -16.87 30.24 -23.36
N VAL C 62 -17.39 30.14 -22.12
CA VAL C 62 -16.85 29.26 -21.08
C VAL C 62 -18.00 28.46 -20.46
N ASN C 63 -18.01 27.14 -20.68
CA ASN C 63 -19.13 26.31 -20.20
C ASN C 63 -19.10 26.11 -18.69
N PHE C 64 -20.28 26.28 -18.10
CA PHE C 64 -20.55 25.94 -16.70
C PHE C 64 -21.62 24.84 -16.62
N HIS C 65 -21.53 24.03 -15.56
CA HIS C 65 -22.44 22.92 -15.32
C HIS C 65 -22.78 22.91 -13.83
N MET C 66 -23.93 23.50 -13.49
CA MET C 66 -24.40 23.64 -12.10
C MET C 66 -25.28 22.45 -11.69
N PHE C 67 -25.31 22.12 -10.38
CA PHE C 67 -26.17 21.04 -9.85
C PHE C 67 -26.89 21.47 -8.58
N ASP C 68 -28.20 21.24 -8.55
CA ASP C 68 -29.08 21.73 -7.46
C ASP C 68 -29.31 20.64 -6.41
N VAL C 69 -28.89 20.87 -5.17
CA VAL C 69 -28.76 19.80 -4.17
C VAL C 69 -28.85 20.31 -2.73
N GLY C 70 -29.90 21.03 -2.34
CA GLY C 70 -29.80 21.78 -1.08
C GLY C 70 -31.01 22.04 -0.21
N GLY C 71 -30.74 22.66 0.92
CA GLY C 71 -31.74 22.88 1.96
C GLY C 71 -31.32 22.28 3.29
N GLN C 72 -30.66 21.13 3.23
CA GLN C 72 -30.31 20.30 4.41
C GLN C 72 -31.36 19.25 4.78
N ARG C 73 -32.56 19.34 4.21
CA ARG C 73 -33.60 18.33 4.41
C ARG C 73 -33.19 16.99 3.83
N ASP C 74 -33.06 16.88 2.52
CA ASP C 74 -32.52 15.68 1.89
C ASP C 74 -32.01 16.02 0.50
N GLU C 75 -31.50 15.02 -0.22
CA GLU C 75 -30.90 15.17 -1.57
C GLU C 75 -29.46 15.75 -1.56
N ARG C 76 -28.93 16.11 -0.40
CA ARG C 76 -27.68 16.86 -0.34
C ARG C 76 -26.52 15.90 -0.18
N ARG C 77 -26.60 15.08 0.86
CA ARG C 77 -25.50 14.21 1.23
C ARG C 77 -25.24 13.12 0.20
N LYS C 78 -26.25 12.78 -0.61
CA LYS C 78 -26.07 11.83 -1.73
C LYS C 78 -25.20 12.41 -2.85
N TRP C 79 -25.62 13.56 -3.36
CA TRP C 79 -25.00 14.16 -4.53
C TRP C 79 -23.66 14.82 -4.18
N ILE C 80 -23.56 15.39 -2.97
CA ILE C 80 -22.33 16.05 -2.50
C ILE C 80 -21.13 15.12 -2.52
N GLN C 81 -21.34 13.88 -2.10
CA GLN C 81 -20.21 12.96 -2.02
C GLN C 81 -19.85 12.38 -3.38
N CYS C 82 -20.64 12.65 -4.41
CA CYS C 82 -20.25 12.42 -5.80
C CYS C 82 -19.91 13.74 -6.48
N PHE C 83 -19.01 13.67 -7.45
CA PHE C 83 -18.36 14.84 -8.09
C PHE C 83 -16.86 14.84 -7.80
N ASN C 84 -16.53 15.51 -6.70
CA ASN C 84 -15.25 16.02 -6.30
C ASN C 84 -14.56 17.21 -6.85
N ASP C 85 -14.67 17.36 -8.16
CA ASP C 85 -14.01 18.44 -8.91
C ASP C 85 -14.95 19.61 -9.20
N VAL C 86 -15.82 19.94 -8.23
CA VAL C 86 -16.59 21.18 -8.32
C VAL C 86 -15.64 22.38 -8.15
N THR C 87 -15.69 23.34 -9.07
CA THR C 87 -14.82 24.51 -8.98
C THR C 87 -15.27 25.43 -7.83
N ALA C 88 -16.59 25.53 -7.62
CA ALA C 88 -17.13 26.36 -6.54
C ALA C 88 -18.56 26.02 -6.14
N ILE C 89 -18.89 26.40 -4.90
CA ILE C 89 -20.20 26.13 -4.32
C ILE C 89 -21.00 27.43 -4.26
N ILE C 90 -22.08 27.51 -5.04
CA ILE C 90 -23.01 28.63 -4.96
C ILE C 90 -23.96 28.44 -3.78
N PHE C 91 -23.91 29.35 -2.80
CA PHE C 91 -24.77 29.29 -1.62
C PHE C 91 -25.76 30.44 -1.58
N VAL C 92 -27.05 30.11 -1.67
CA VAL C 92 -28.12 31.10 -1.69
C VAL C 92 -28.83 31.15 -0.34
N VAL C 93 -28.94 32.36 0.22
CA VAL C 93 -29.72 32.58 1.45
C VAL C 93 -30.69 33.74 1.27
N ASP C 94 -31.93 33.56 1.70
CA ASP C 94 -32.91 34.64 1.74
C ASP C 94 -32.57 35.58 2.90
N SER C 95 -32.21 36.82 2.59
CA SER C 95 -31.86 37.80 3.62
C SER C 95 -33.09 38.28 4.40
N SER C 96 -34.25 38.21 3.76
CA SER C 96 -35.50 38.71 4.35
C SER C 96 -36.06 37.82 5.46
N ASP C 97 -35.70 36.54 5.45
CA ASP C 97 -36.28 35.57 6.38
C ASP C 97 -35.46 35.45 7.67
N TYR C 98 -35.62 36.44 8.54
CA TYR C 98 -34.80 36.55 9.77
C TYR C 98 -34.69 35.27 10.62
N ASN C 99 -35.77 34.48 10.71
CA ASN C 99 -35.77 33.25 11.52
C ASN C 99 -34.95 32.12 10.89
N ARG C 100 -35.31 31.81 9.64
CA ARG C 100 -34.61 30.78 8.87
C ARG C 100 -33.19 31.17 8.51
N LEU C 101 -32.83 32.45 8.75
CA LEU C 101 -31.46 32.93 8.64
C LEU C 101 -30.51 32.21 9.59
N GLN C 102 -30.98 31.91 10.80
CA GLN C 102 -30.21 31.12 11.76
C GLN C 102 -29.96 29.70 11.24
N GLU C 103 -30.99 29.11 10.62
CA GLU C 103 -30.85 27.79 9.99
C GLU C 103 -29.81 27.85 8.89
N ALA C 104 -29.91 28.87 8.04
CA ALA C 104 -28.96 29.10 6.95
C ALA C 104 -27.54 29.27 7.46
N LEU C 105 -27.37 30.00 8.56
CA LEU C 105 -26.06 30.15 9.20
C LEU C 105 -25.48 28.80 9.63
N ASN C 106 -26.34 27.95 10.22
CA ASN C 106 -25.90 26.61 10.64
C ASN C 106 -25.44 25.79 9.43
N ASP C 107 -26.28 25.78 8.39
CA ASP C 107 -25.97 25.09 7.13
C ASP C 107 -24.67 25.57 6.53
N PHE C 108 -24.42 26.88 6.60
CA PHE C 108 -23.19 27.46 6.07
C PHE C 108 -21.98 26.97 6.86
N LYS C 109 -22.04 27.06 8.18
CA LYS C 109 -20.99 26.52 9.07
C LYS C 109 -20.64 25.08 8.70
N SER C 110 -21.68 24.27 8.53
CA SER C 110 -21.54 22.86 8.11
C SER C 110 -20.79 22.72 6.79
N ILE C 111 -21.23 23.48 5.77
CA ILE C 111 -20.58 23.46 4.46
C ILE C 111 -19.12 23.91 4.57
N TRP C 112 -18.88 24.93 5.39
CA TRP C 112 -17.54 25.51 5.54
C TRP C 112 -16.57 24.56 6.20
N ASN C 113 -17.04 23.75 7.15
CA ASN C 113 -16.17 22.79 7.86
C ASN C 113 -16.24 21.33 7.37
N ASN C 114 -16.94 21.09 6.26
CA ASN C 114 -17.16 19.73 5.76
C ASN C 114 -15.87 19.11 5.24
N ARG C 115 -15.61 17.86 5.62
CA ARG C 115 -14.41 17.13 5.20
C ARG C 115 -14.27 17.02 3.67
N TRP C 116 -15.39 16.77 3.00
CA TRP C 116 -15.41 16.65 1.54
C TRP C 116 -15.27 18.00 0.82
N LEU C 117 -15.71 19.08 1.46
CA LEU C 117 -15.69 20.41 0.84
C LEU C 117 -14.70 21.40 1.48
N ARG C 118 -13.72 20.86 2.20
CA ARG C 118 -12.79 21.69 3.03
C ARG C 118 -12.03 22.76 2.26
N THR C 119 -11.65 22.47 1.02
CA THR C 119 -10.88 23.41 0.22
C THR C 119 -11.68 24.06 -0.92
N ILE C 120 -13.02 23.97 -0.86
CA ILE C 120 -13.87 24.47 -1.96
C ILE C 120 -14.44 25.84 -1.59
N SER C 121 -14.28 26.81 -2.50
CA SER C 121 -14.70 28.21 -2.25
C SER C 121 -16.19 28.40 -2.53
N VAL C 122 -16.82 29.24 -1.70
CA VAL C 122 -18.26 29.44 -1.71
C VAL C 122 -18.63 30.81 -2.26
N ILE C 123 -19.33 30.83 -3.39
CA ILE C 123 -19.93 32.07 -3.93
C ILE C 123 -21.25 32.30 -3.21
N LEU C 124 -21.33 33.35 -2.38
CA LEU C 124 -22.48 33.59 -1.51
C LEU C 124 -23.44 34.64 -2.08
N PHE C 125 -24.69 34.22 -2.33
CA PHE C 125 -25.79 35.10 -2.75
C PHE C 125 -26.71 35.42 -1.57
N LEU C 126 -26.74 36.69 -1.18
CA LEU C 126 -27.72 37.17 -0.20
C LEU C 126 -28.94 37.70 -0.98
N ASN C 127 -30.02 36.93 -0.96
CA ASN C 127 -31.11 37.03 -1.93
C ASN C 127 -32.29 37.80 -1.34
N LYS C 128 -33.23 38.13 -2.21
CA LYS C 128 -34.45 38.87 -1.87
C LYS C 128 -34.08 40.16 -1.11
N GLN C 129 -33.17 40.93 -1.71
CA GLN C 129 -32.74 42.19 -1.14
C GLN C 129 -33.88 43.19 -1.16
N ASP C 130 -34.58 43.28 -2.29
CA ASP C 130 -35.82 44.08 -2.40
C ASP C 130 -36.81 43.84 -1.24
N LEU C 131 -37.12 42.56 -1.00
CA LEU C 131 -38.04 42.16 0.05
C LEU C 131 -37.49 42.55 1.43
N LEU C 132 -36.18 42.40 1.62
CA LEU C 132 -35.49 42.87 2.82
C LEU C 132 -35.71 44.37 3.03
N ALA C 133 -35.50 45.16 1.97
CA ALA C 133 -35.73 46.61 2.03
C ALA C 133 -37.13 46.91 2.54
N GLU C 134 -38.13 46.26 1.94
CA GLU C 134 -39.53 46.43 2.38
C GLU C 134 -39.68 46.10 3.87
N LYS C 135 -39.27 44.90 4.25
CA LYS C 135 -39.28 44.43 5.66
C LYS C 135 -38.69 45.45 6.64
N VAL C 136 -37.52 45.97 6.29
CA VAL C 136 -36.77 46.86 7.16
C VAL C 136 -37.44 48.24 7.26
N LEU C 137 -37.83 48.79 6.12
CA LEU C 137 -38.51 50.09 6.06
C LEU C 137 -39.87 50.07 6.77
N ALA C 138 -40.55 48.91 6.72
CA ALA C 138 -41.85 48.72 7.38
C ALA C 138 -41.76 48.90 8.89
N GLY C 139 -40.78 48.26 9.52
CA GLY C 139 -40.52 48.41 10.95
C GLY C 139 -41.16 47.39 11.88
N LYS C 140 -42.12 46.60 11.38
CA LYS C 140 -42.78 45.55 12.19
C LYS C 140 -41.80 44.60 12.90
N SER C 141 -40.91 43.98 12.15
CA SER C 141 -39.94 43.01 12.68
C SER C 141 -38.56 43.64 12.87
N LYS C 142 -38.10 43.69 14.13
CA LYS C 142 -36.77 44.20 14.49
C LYS C 142 -35.72 43.08 14.61
N ILE C 143 -34.63 43.22 13.86
CA ILE C 143 -33.61 42.16 13.76
C ILE C 143 -32.99 41.84 15.12
N GLU C 144 -32.75 42.87 15.94
CA GLU C 144 -32.25 42.73 17.33
C GLU C 144 -33.00 41.68 18.16
N ASP C 145 -34.27 41.45 17.83
CA ASP C 145 -35.05 40.38 18.46
C ASP C 145 -34.42 39.02 18.17
N TYR C 146 -34.16 38.75 16.90
CA TYR C 146 -33.51 37.52 16.46
C TYR C 146 -31.99 37.54 16.64
N PHE C 147 -31.40 38.73 16.58
CA PHE C 147 -29.95 38.90 16.69
C PHE C 147 -29.59 40.13 17.55
N PRO C 148 -29.58 39.96 18.89
CA PRO C 148 -29.40 41.10 19.82
C PRO C 148 -28.11 41.88 19.64
N GLU C 149 -27.03 41.20 19.27
CA GLU C 149 -25.74 41.88 19.01
C GLU C 149 -25.76 42.86 17.82
N PHE C 150 -26.87 42.91 17.06
CA PHE C 150 -27.09 43.93 16.03
C PHE C 150 -27.18 45.34 16.62
N ALA C 151 -27.75 45.47 17.82
CA ALA C 151 -27.87 46.75 18.52
C ALA C 151 -26.56 47.51 18.69
N ARG C 152 -25.46 46.77 18.84
CA ARG C 152 -24.12 47.37 18.91
C ARG C 152 -23.34 47.27 17.60
N TYR C 153 -24.05 46.99 16.49
CA TYR C 153 -23.43 46.91 15.16
C TYR C 153 -23.69 48.21 14.41
N THR C 154 -22.61 48.79 13.87
CA THR C 154 -22.69 49.94 12.96
C THR C 154 -22.22 49.52 11.56
N THR C 155 -22.78 50.16 10.52
CA THR C 155 -22.42 49.86 9.12
C THR C 155 -20.90 50.02 8.92
N PRO C 156 -20.25 49.10 8.16
CA PRO C 156 -18.81 49.26 7.94
C PRO C 156 -18.43 50.51 7.16
N GLU C 157 -17.24 51.06 7.41
CA GLU C 157 -16.73 52.23 6.68
C GLU C 157 -16.45 51.91 5.21
N ASP C 158 -16.01 50.68 4.94
CA ASP C 158 -15.76 50.21 3.57
C ASP C 158 -17.05 49.97 2.75
N ALA C 159 -18.17 49.75 3.47
CA ALA C 159 -19.46 49.52 2.84
C ALA C 159 -19.79 50.61 1.83
N THR C 160 -20.27 50.17 0.66
CA THR C 160 -20.51 51.06 -0.48
C THR C 160 -22.00 51.04 -0.84
N PRO C 161 -22.85 51.69 -0.03
CA PRO C 161 -24.29 51.73 -0.36
C PRO C 161 -24.58 52.46 -1.67
N GLU C 162 -25.62 52.02 -2.38
CA GLU C 162 -25.99 52.61 -3.65
C GLU C 162 -26.80 53.91 -3.44
N PRO C 163 -26.83 54.81 -4.46
CA PRO C 163 -27.71 55.98 -4.50
C PRO C 163 -29.17 55.68 -4.08
N GLY C 164 -29.67 56.37 -3.07
CA GLY C 164 -31.06 56.21 -2.63
C GLY C 164 -31.35 55.03 -1.73
N GLU C 165 -30.34 54.57 -1.00
CA GLU C 165 -30.45 53.44 -0.05
C GLU C 165 -30.50 53.93 1.40
N ASP C 166 -31.63 53.69 2.07
CA ASP C 166 -31.82 54.09 3.46
C ASP C 166 -30.70 53.48 4.30
N PRO C 167 -29.93 54.31 5.05
CA PRO C 167 -28.85 53.81 5.90
C PRO C 167 -29.23 52.64 6.82
N ARG C 168 -30.50 52.61 7.24
CA ARG C 168 -31.06 51.49 8.00
C ARG C 168 -30.99 50.17 7.22
N VAL C 169 -31.51 50.21 5.99
CA VAL C 169 -31.52 49.04 5.10
C VAL C 169 -30.08 48.57 4.82
N THR C 170 -29.20 49.52 4.53
CA THR C 170 -27.77 49.24 4.32
C THR C 170 -27.15 48.55 5.53
N ARG C 171 -27.43 49.09 6.71
CA ARG C 171 -26.90 48.54 7.96
C ARG C 171 -27.33 47.08 8.18
N ALA C 172 -28.63 46.82 8.03
CA ALA C 172 -29.17 45.45 8.18
C ALA C 172 -28.56 44.49 7.16
N LYS C 173 -28.62 44.89 5.89
CA LYS C 173 -28.05 44.14 4.77
C LYS C 173 -26.62 43.69 5.07
N TYR C 174 -25.77 44.67 5.39
CA TYR C 174 -24.38 44.39 5.68
C TYR C 174 -24.18 43.60 6.99
N PHE C 175 -25.12 43.73 7.93
CA PHE C 175 -25.08 42.90 9.16
C PHE C 175 -25.23 41.43 8.85
N ILE C 176 -26.18 41.10 7.97
CA ILE C 176 -26.39 39.72 7.53
C ILE C 176 -25.14 39.21 6.84
N ARG C 177 -24.66 39.98 5.86
CA ARG C 177 -23.44 39.61 5.13
C ARG C 177 -22.32 39.25 6.10
N ASP C 178 -22.07 40.14 7.07
CA ASP C 178 -21.04 39.92 8.08
C ASP C 178 -21.31 38.70 8.96
N GLU C 179 -22.59 38.42 9.22
CA GLU C 179 -22.98 37.22 9.97
C GLU C 179 -22.49 35.94 9.30
N PHE C 180 -22.59 35.91 7.97
CA PHE C 180 -22.05 34.79 7.19
C PHE C 180 -20.52 34.83 7.09
N LEU C 181 -19.93 36.03 7.08
CA LEU C 181 -18.49 36.15 6.89
C LEU C 181 -17.65 35.79 8.13
N ARG C 182 -18.16 36.10 9.33
CA ARG C 182 -17.53 35.69 10.59
C ARG C 182 -17.21 34.18 10.63
N ILE C 183 -18.11 33.39 10.03
CA ILE C 183 -17.94 31.95 9.92
C ILE C 183 -16.77 31.60 8.98
N SER C 184 -16.71 32.25 7.81
CA SER C 184 -15.62 32.09 6.84
C SER C 184 -14.26 32.39 7.45
N THR C 185 -14.23 33.45 8.27
CA THR C 185 -12.99 33.89 8.91
C THR C 185 -12.69 33.12 10.21
N ALA C 186 -13.65 32.34 10.72
CA ALA C 186 -13.43 31.54 11.92
C ALA C 186 -12.37 30.46 11.71
N SER C 187 -12.54 29.70 10.63
CA SER C 187 -11.54 28.75 10.14
C SER C 187 -10.75 29.49 9.07
N GLY C 188 -9.78 30.27 9.51
CA GLY C 188 -9.03 31.17 8.63
C GLY C 188 -7.78 30.53 8.05
N ASP C 189 -7.96 29.36 7.42
CA ASP C 189 -6.86 28.64 6.78
C ASP C 189 -6.40 29.36 5.49
N GLY C 190 -7.36 29.86 4.69
CA GLY C 190 -7.05 30.58 3.47
C GLY C 190 -6.89 29.71 2.24
N ARG C 191 -7.14 28.40 2.37
CA ARG C 191 -7.24 27.50 1.23
C ARG C 191 -8.44 27.87 0.35
N HIS C 192 -9.52 28.33 0.99
CA HIS C 192 -10.75 28.70 0.28
C HIS C 192 -11.34 29.98 0.87
N TYR C 193 -12.17 30.67 0.08
CA TYR C 193 -12.74 31.96 0.48
C TYR C 193 -14.22 32.05 0.10
N CYS C 194 -14.92 32.97 0.78
CA CYS C 194 -16.36 33.18 0.60
C CYS C 194 -16.65 34.53 -0.05
N TYR C 195 -17.15 34.52 -1.29
CA TYR C 195 -17.39 35.73 -2.09
C TYR C 195 -18.87 36.15 -2.04
N PRO C 196 -19.18 37.22 -1.28
CA PRO C 196 -20.57 37.63 -1.08
C PRO C 196 -21.14 38.45 -2.23
N HIS C 197 -22.47 38.51 -2.26
CA HIS C 197 -23.24 39.31 -3.23
C HIS C 197 -24.61 39.68 -2.65
N PHE C 198 -25.13 40.82 -3.08
CA PHE C 198 -26.48 41.25 -2.76
C PHE C 198 -27.30 41.13 -4.05
N THR C 199 -28.30 40.24 -4.04
CA THR C 199 -29.11 39.92 -5.23
C THR C 199 -30.59 40.15 -4.98
N CYS C 200 -31.24 40.87 -5.89
CA CYS C 200 -32.62 41.32 -5.73
C CYS C 200 -33.60 40.28 -6.24
N THR C 204 -30.92 40.45 -12.33
CA THR C 204 -30.31 41.14 -13.47
C THR C 204 -29.16 40.32 -14.06
N GLU C 205 -27.92 40.50 -13.56
CA GLU C 205 -26.74 39.76 -14.04
C GLU C 205 -26.06 38.92 -12.94
N ASN C 206 -26.61 37.74 -12.64
CA ASN C 206 -26.03 36.80 -11.69
C ASN C 206 -25.00 35.88 -12.34
N ALA C 207 -25.22 35.57 -13.61
CA ALA C 207 -24.32 34.70 -14.35
C ALA C 207 -22.92 35.28 -14.37
N ARG C 208 -22.85 36.59 -14.64
CA ARG C 208 -21.57 37.30 -14.68
C ARG C 208 -20.89 37.30 -13.31
N ARG C 209 -21.65 37.47 -12.23
CA ARG C 209 -21.09 37.41 -10.88
C ARG C 209 -20.45 36.07 -10.62
N ILE C 210 -21.20 35.00 -10.91
CA ILE C 210 -20.67 33.64 -10.76
C ILE C 210 -19.38 33.47 -11.59
N PHE C 211 -19.44 33.91 -12.86
CA PHE C 211 -18.30 33.87 -13.78
C PHE C 211 -17.08 34.51 -13.14
N ASN C 212 -17.20 35.81 -12.85
CA ASN C 212 -16.11 36.58 -12.24
C ASN C 212 -15.55 35.92 -10.99
N ASP C 213 -16.43 35.41 -10.13
CA ASP C 213 -16.00 34.75 -8.89
C ASP C 213 -15.20 33.47 -9.14
N CYS C 214 -15.60 32.69 -10.14
CA CYS C 214 -14.84 31.51 -10.53
C CYS C 214 -13.47 31.90 -11.09
N ARG C 215 -13.50 32.85 -12.04
CA ARG C 215 -12.28 33.45 -12.60
C ARG C 215 -11.31 33.82 -11.50
N ASP C 216 -11.80 34.57 -10.52
CA ASP C 216 -11.01 34.98 -9.36
C ASP C 216 -10.47 33.77 -8.62
N ILE C 217 -11.34 32.81 -8.31
CA ILE C 217 -10.93 31.60 -7.56
C ILE C 217 -9.73 30.94 -8.20
N ILE C 218 -9.87 30.58 -9.47
CA ILE C 218 -8.81 29.83 -10.13
C ILE C 218 -7.57 30.71 -10.43
N GLN C 219 -7.79 31.98 -10.75
CA GLN C 219 -6.66 32.91 -10.90
C GLN C 219 -5.86 33.03 -9.60
N ARG C 220 -6.54 33.00 -8.46
CA ARG C 220 -5.88 33.01 -7.16
C ARG C 220 -5.24 31.66 -6.83
N MET C 221 -5.73 30.60 -7.45
CA MET C 221 -5.08 29.30 -7.33
C MET C 221 -3.72 29.36 -8.02
N HIS C 222 -3.67 29.90 -9.24
CA HIS C 222 -2.41 30.13 -9.94
C HIS C 222 -1.48 31.14 -9.22
N LEU C 223 -2.05 32.20 -8.68
CA LEU C 223 -1.24 33.18 -7.96
C LEU C 223 -0.61 32.58 -6.70
N ARG C 224 -1.42 31.84 -5.95
CA ARG C 224 -0.95 31.03 -4.82
C ARG C 224 0.14 30.03 -5.23
N GLN C 225 -0.04 29.38 -6.37
CA GLN C 225 0.95 28.43 -6.90
C GLN C 225 2.33 29.04 -7.11
N TYR C 226 2.39 30.34 -7.42
CA TYR C 226 3.67 31.05 -7.56
C TYR C 226 4.14 31.73 -6.25
N GLU C 227 3.46 31.47 -5.13
CA GLU C 227 3.71 32.16 -3.87
C GLU C 227 3.59 33.69 -3.97
N LEU C 228 2.79 34.16 -4.93
CA LEU C 228 2.59 35.58 -5.12
C LEU C 228 1.50 36.11 -4.18
N LEU C 229 0.74 35.18 -3.58
CA LEU C 229 -0.29 35.49 -2.58
C LEU C 229 0.17 36.30 -1.37
N ALA D 15 -12.78 -37.81 27.20
CA ALA D 15 -12.52 -38.64 25.98
C ALA D 15 -12.27 -40.13 26.32
N THR D 16 -13.26 -40.74 26.98
CA THR D 16 -13.38 -42.22 27.11
C THR D 16 -13.85 -42.80 25.78
N HIS D 17 -13.35 -43.97 25.39
CA HIS D 17 -13.58 -44.56 24.05
C HIS D 17 -14.62 -45.68 24.04
N ARG D 18 -15.70 -45.44 23.30
CA ARG D 18 -16.86 -46.31 23.28
C ARG D 18 -16.67 -47.39 22.22
N LEU D 19 -16.97 -48.64 22.58
CA LEU D 19 -16.83 -49.79 21.68
C LEU D 19 -18.11 -50.60 21.61
N LEU D 20 -18.40 -51.16 20.45
CA LEU D 20 -19.58 -52.00 20.25
C LEU D 20 -19.15 -53.44 20.05
N LEU D 21 -19.37 -54.28 21.06
CA LEU D 21 -19.09 -55.72 20.99
C LEU D 21 -20.26 -56.47 20.37
N LEU D 22 -20.00 -57.31 19.38
CA LEU D 22 -21.05 -58.14 18.81
C LEU D 22 -20.54 -59.36 18.04
N GLY D 23 -21.41 -60.36 17.94
CA GLY D 23 -21.06 -61.69 17.42
C GLY D 23 -22.11 -62.71 17.85
N ALA D 24 -22.02 -63.90 17.29
CA ALA D 24 -22.98 -64.97 17.60
C ALA D 24 -22.83 -65.57 19.01
N ASP D 25 -23.85 -66.34 19.39
CA ASP D 25 -23.77 -67.26 20.52
C ASP D 25 -22.67 -68.31 20.32
N ASN D 26 -22.03 -68.71 21.41
CA ASN D 26 -20.90 -69.63 21.37
C ASN D 26 -19.82 -69.21 20.35
N SER D 27 -19.69 -67.89 20.15
CA SER D 27 -18.59 -67.33 19.40
C SER D 27 -17.49 -66.86 20.37
N GLY D 28 -17.67 -67.14 21.65
CA GLY D 28 -16.73 -66.71 22.66
C GLY D 28 -16.72 -65.22 22.88
N LYS D 29 -17.70 -64.49 22.38
CA LYS D 29 -17.78 -63.04 22.63
C LYS D 29 -17.96 -62.71 24.12
N SER D 30 -18.41 -63.71 24.90
CA SER D 30 -18.60 -63.55 26.32
C SER D 30 -17.31 -63.84 27.09
N THR D 31 -16.46 -64.66 26.50
CA THR D 31 -15.18 -65.01 27.13
C THR D 31 -14.12 -63.91 26.92
N ILE D 32 -14.13 -63.30 25.74
CA ILE D 32 -13.27 -62.17 25.41
C ILE D 32 -13.49 -61.03 26.40
N VAL D 33 -14.75 -60.82 26.78
CA VAL D 33 -15.11 -59.82 27.78
C VAL D 33 -14.87 -60.31 29.21
N LYS D 34 -14.88 -61.64 29.40
CA LYS D 34 -14.51 -62.23 30.70
C LYS D 34 -13.03 -62.05 31.05
N GLN D 35 -12.17 -62.40 30.10
CA GLN D 35 -10.71 -62.21 30.22
C GLN D 35 -10.35 -60.76 30.53
N MET D 36 -10.97 -59.82 29.80
CA MET D 36 -10.76 -58.38 30.01
C MET D 36 -11.13 -57.92 31.44
N ARG D 37 -12.11 -58.59 32.05
CA ARG D 37 -12.43 -58.42 33.48
C ARG D 37 -11.66 -59.46 34.30
N PHE D 53 -22.92 -56.77 30.60
CA PHE D 53 -23.09 -56.19 29.26
C PHE D 53 -22.15 -54.98 29.04
N GLU D 54 -22.27 -53.96 29.89
CA GLU D 54 -21.40 -52.77 29.82
C GLU D 54 -20.07 -53.10 30.50
N THR D 55 -18.96 -52.84 29.81
CA THR D 55 -17.62 -53.22 30.26
C THR D 55 -16.64 -52.10 29.96
N LYS D 56 -16.01 -51.58 31.02
CA LYS D 56 -15.09 -50.47 30.91
C LYS D 56 -13.72 -50.89 31.41
N PHE D 57 -12.72 -50.86 30.53
CA PHE D 57 -11.36 -51.28 30.89
C PHE D 57 -10.31 -50.20 30.62
N GLN D 58 -9.21 -50.31 31.35
CA GLN D 58 -8.10 -49.34 31.32
C GLN D 58 -6.91 -49.94 30.57
N VAL D 59 -6.43 -49.25 29.52
CA VAL D 59 -5.15 -49.62 28.87
C VAL D 59 -4.32 -48.37 28.55
N ASP D 60 -3.05 -48.41 28.98
CA ASP D 60 -2.11 -47.27 28.82
C ASP D 60 -2.72 -45.95 29.31
N LYS D 61 -3.40 -46.02 30.45
CA LYS D 61 -4.13 -44.88 31.04
C LYS D 61 -5.11 -44.22 30.06
N VAL D 62 -5.83 -45.04 29.28
CA VAL D 62 -6.84 -44.59 28.32
C VAL D 62 -8.13 -45.39 28.53
N ASN D 63 -9.19 -44.72 28.98
CA ASN D 63 -10.44 -45.42 29.28
C ASN D 63 -11.19 -45.88 28.04
N PHE D 64 -11.62 -47.15 28.09
CA PHE D 64 -12.54 -47.72 27.10
C PHE D 64 -13.84 -48.17 27.80
N HIS D 65 -14.94 -48.12 27.06
CA HIS D 65 -16.25 -48.55 27.52
C HIS D 65 -16.92 -49.36 26.41
N MET D 66 -16.85 -50.68 26.53
CA MET D 66 -17.44 -51.64 25.58
C MET D 66 -18.91 -51.96 25.92
N PHE D 67 -19.73 -52.31 24.92
CA PHE D 67 -21.15 -52.68 25.14
C PHE D 67 -21.52 -53.93 24.35
N ASP D 68 -22.12 -54.91 25.02
CA ASP D 68 -22.39 -56.24 24.45
C ASP D 68 -23.82 -56.33 23.92
N VAL D 69 -23.97 -56.59 22.61
CA VAL D 69 -25.28 -56.59 21.94
C VAL D 69 -25.37 -57.58 20.77
N ASN D 84 -24.54 -44.05 19.39
CA ASN D 84 -23.98 -44.12 18.06
C ASN D 84 -22.68 -43.33 17.80
N ASP D 85 -22.02 -42.78 18.84
CA ASP D 85 -20.66 -42.24 18.71
C ASP D 85 -19.59 -43.25 19.16
N VAL D 86 -19.78 -44.50 18.76
CA VAL D 86 -18.84 -45.56 19.02
C VAL D 86 -17.59 -45.35 18.17
N THR D 87 -16.42 -45.44 18.79
CA THR D 87 -15.16 -45.29 18.03
C THR D 87 -14.93 -46.51 17.10
N ALA D 88 -15.31 -47.71 17.54
CA ALA D 88 -15.18 -48.90 16.71
C ALA D 88 -16.05 -50.08 17.16
N ILE D 89 -16.30 -51.00 16.23
CA ILE D 89 -17.14 -52.16 16.44
C ILE D 89 -16.28 -53.41 16.53
N ILE D 90 -16.24 -54.03 17.70
CA ILE D 90 -15.57 -55.32 17.89
C ILE D 90 -16.49 -56.45 17.39
N PHE D 91 -16.05 -57.18 16.37
CA PHE D 91 -16.82 -58.29 15.80
C PHE D 91 -16.13 -59.63 16.01
N VAL D 92 -16.78 -60.50 16.80
CA VAL D 92 -16.22 -61.82 17.13
C VAL D 92 -16.90 -62.92 16.32
N VAL D 93 -16.10 -63.74 15.65
CA VAL D 93 -16.60 -64.93 14.96
C VAL D 93 -15.80 -66.17 15.34
N ASP D 94 -16.51 -67.27 15.60
CA ASP D 94 -15.86 -68.57 15.82
C ASP D 94 -15.35 -69.13 14.49
N SER D 95 -14.03 -69.25 14.34
CA SER D 95 -13.44 -69.79 13.10
C SER D 95 -13.67 -71.29 12.96
N SER D 96 -13.84 -71.98 14.09
CA SER D 96 -13.98 -73.43 14.12
C SER D 96 -15.34 -73.92 13.62
N ASP D 97 -16.37 -73.06 13.71
CA ASP D 97 -17.73 -73.47 13.37
C ASP D 97 -18.05 -73.25 11.89
N TYR D 98 -17.56 -74.13 11.03
CA TYR D 98 -17.65 -73.96 9.58
C TYR D 98 -19.06 -73.64 9.03
N ASN D 99 -20.12 -74.20 9.63
CA ASN D 99 -21.50 -73.99 9.18
C ASN D 99 -22.02 -72.60 9.55
N ARG D 100 -21.95 -72.28 10.84
CA ARG D 100 -22.37 -70.97 11.35
C ARG D 100 -21.44 -69.84 10.89
N LEU D 101 -20.32 -70.19 10.26
CA LEU D 101 -19.43 -69.23 9.61
C LEU D 101 -20.14 -68.49 8.48
N GLN D 102 -20.98 -69.19 7.73
CA GLN D 102 -21.82 -68.56 6.70
C GLN D 102 -22.79 -67.55 7.30
N GLU D 103 -23.39 -67.91 8.44
CA GLU D 103 -24.27 -67.00 9.18
C GLU D 103 -23.49 -65.75 9.61
N ALA D 104 -22.30 -65.97 10.17
CA ALA D 104 -21.42 -64.89 10.60
C ALA D 104 -21.03 -63.97 9.45
N LEU D 105 -20.76 -64.56 8.28
CA LEU D 105 -20.46 -63.77 7.07
C LEU D 105 -21.64 -62.88 6.69
N ASN D 106 -22.86 -63.43 6.77
CA ASN D 106 -24.06 -62.64 6.48
C ASN D 106 -24.21 -61.47 7.45
N ASP D 107 -24.07 -61.77 8.75
CA ASP D 107 -24.11 -60.74 9.80
C ASP D 107 -23.06 -59.65 9.58
N PHE D 108 -21.88 -60.05 9.13
CA PHE D 108 -20.80 -59.09 8.87
C PHE D 108 -21.16 -58.18 7.70
N LYS D 109 -21.62 -58.77 6.59
CA LYS D 109 -22.10 -58.01 5.43
C LYS D 109 -23.13 -56.95 5.84
N SER D 110 -24.10 -57.39 6.66
CA SER D 110 -25.12 -56.50 7.23
C SER D 110 -24.53 -55.34 8.01
N ILE D 111 -23.60 -55.65 8.93
CA ILE D 111 -22.93 -54.61 9.73
C ILE D 111 -22.15 -53.66 8.82
N TRP D 112 -21.49 -54.21 7.81
CA TRP D 112 -20.64 -53.44 6.90
C TRP D 112 -21.45 -52.45 6.05
N ASN D 113 -22.66 -52.85 5.65
CA ASN D 113 -23.51 -51.99 4.82
C ASN D 113 -24.63 -51.23 5.56
N ASN D 114 -24.61 -51.27 6.89
CA ASN D 114 -25.68 -50.66 7.69
C ASN D 114 -25.65 -49.14 7.62
N ARG D 115 -26.82 -48.53 7.41
CA ARG D 115 -26.94 -47.07 7.31
C ARG D 115 -26.42 -46.33 8.56
N TRP D 116 -26.72 -46.88 9.73
CA TRP D 116 -26.28 -46.29 11.00
C TRP D 116 -24.77 -46.50 11.27
N LEU D 117 -24.19 -47.57 10.72
CA LEU D 117 -22.77 -47.89 10.99
C LEU D 117 -21.87 -47.74 9.75
N ARG D 118 -22.32 -46.98 8.75
CA ARG D 118 -21.65 -46.92 7.43
C ARG D 118 -20.18 -46.48 7.47
N THR D 119 -19.83 -45.59 8.39
CA THR D 119 -18.47 -45.08 8.48
C THR D 119 -17.70 -45.59 9.70
N ILE D 120 -18.21 -46.65 10.35
CA ILE D 120 -17.60 -47.15 11.59
C ILE D 120 -16.71 -48.37 11.29
N SER D 121 -15.48 -48.33 11.78
CA SER D 121 -14.48 -49.38 11.51
C SER D 121 -14.64 -50.58 12.46
N VAL D 122 -14.43 -51.76 11.91
CA VAL D 122 -14.69 -53.02 12.59
C VAL D 122 -13.40 -53.73 12.98
N ILE D 123 -13.14 -53.88 14.28
CA ILE D 123 -12.05 -54.72 14.79
C ILE D 123 -12.52 -56.18 14.79
N LEU D 124 -11.94 -57.00 13.92
CA LEU D 124 -12.41 -58.38 13.70
C LEU D 124 -11.57 -59.42 14.45
N PHE D 125 -12.22 -60.16 15.36
CA PHE D 125 -11.62 -61.29 16.09
C PHE D 125 -12.05 -62.62 15.49
N LEU D 126 -11.10 -63.35 14.92
CA LEU D 126 -11.33 -64.72 14.48
C LEU D 126 -10.94 -65.66 15.63
N ASN D 127 -11.97 -66.22 16.29
CA ASN D 127 -11.83 -66.80 17.61
C ASN D 127 -11.73 -68.32 17.53
N LYS D 128 -11.40 -68.92 18.67
CA LYS D 128 -11.24 -70.36 18.84
C LYS D 128 -10.28 -70.90 17.79
N GLN D 129 -9.11 -70.27 17.69
CA GLN D 129 -8.08 -70.69 16.76
C GLN D 129 -7.54 -72.05 17.15
N ASP D 130 -7.25 -72.25 18.43
CA ASP D 130 -6.88 -73.57 18.98
C ASP D 130 -7.82 -74.70 18.52
N LEU D 131 -9.11 -74.49 18.71
CA LEU D 131 -10.13 -75.46 18.34
C LEU D 131 -10.14 -75.69 16.83
N LEU D 132 -9.94 -74.62 16.06
CA LEU D 132 -9.77 -74.72 14.60
C LEU D 132 -8.60 -75.62 14.25
N ALA D 133 -7.45 -75.40 14.89
CA ALA D 133 -6.26 -76.24 14.68
C ALA D 133 -6.61 -77.71 14.86
N GLU D 134 -7.26 -78.02 15.99
CA GLU D 134 -7.69 -79.40 16.26
C GLU D 134 -8.57 -79.94 15.13
N LYS D 135 -9.64 -79.22 14.84
CA LYS D 135 -10.58 -79.54 13.74
C LYS D 135 -9.88 -79.86 12.41
N VAL D 136 -8.94 -79.00 12.04
CA VAL D 136 -8.25 -79.09 10.75
C VAL D 136 -7.28 -80.28 10.73
N LEU D 137 -6.49 -80.42 11.79
CA LEU D 137 -5.54 -81.53 11.91
C LEU D 137 -6.23 -82.90 11.98
N ALA D 138 -7.42 -82.93 12.57
CA ALA D 138 -8.22 -84.16 12.69
C ALA D 138 -8.60 -84.73 11.32
N GLY D 139 -9.11 -83.87 10.43
CA GLY D 139 -9.41 -84.26 9.05
C GLY D 139 -10.83 -84.67 8.74
N LYS D 140 -11.65 -84.93 9.78
CA LYS D 140 -13.06 -85.34 9.58
C LYS D 140 -13.86 -84.41 8.66
N SER D 141 -13.89 -83.12 8.99
CA SER D 141 -14.64 -82.11 8.23
C SER D 141 -13.73 -81.31 7.30
N LYS D 142 -14.00 -81.42 5.99
CA LYS D 142 -13.26 -80.69 4.94
C LYS D 142 -13.97 -79.38 4.54
N ILE D 143 -13.23 -78.27 4.62
CA ILE D 143 -13.82 -76.93 4.44
C ILE D 143 -14.42 -76.77 3.04
N GLU D 144 -13.75 -77.33 2.03
CA GLU D 144 -14.25 -77.35 0.63
C GLU D 144 -15.70 -77.80 0.48
N ASP D 145 -16.16 -78.64 1.41
CA ASP D 145 -17.57 -79.04 1.46
C ASP D 145 -18.46 -77.83 1.68
N TYR D 146 -18.15 -77.03 2.70
CA TYR D 146 -18.88 -75.81 3.01
C TYR D 146 -18.47 -74.63 2.12
N PHE D 147 -17.21 -74.64 1.64
CA PHE D 147 -16.68 -73.55 0.83
C PHE D 147 -15.80 -74.10 -0.33
N PRO D 148 -16.44 -74.50 -1.45
CA PRO D 148 -15.74 -75.18 -2.55
C PRO D 148 -14.59 -74.39 -3.18
N GLU D 149 -14.72 -73.07 -3.24
CA GLU D 149 -13.64 -72.21 -3.75
C GLU D 149 -12.35 -72.23 -2.92
N PHE D 150 -12.37 -72.90 -1.76
CA PHE D 150 -11.14 -73.16 -0.99
C PHE D 150 -10.14 -74.06 -1.73
N ALA D 151 -10.66 -75.00 -2.52
CA ALA D 151 -9.82 -75.91 -3.34
C ALA D 151 -8.84 -75.19 -4.26
N ARG D 152 -9.22 -74.01 -4.74
CA ARG D 152 -8.35 -73.18 -5.58
C ARG D 152 -7.66 -72.04 -4.77
N TYR D 153 -7.70 -72.13 -3.44
CA TYR D 153 -7.09 -71.12 -2.58
C TYR D 153 -5.74 -71.63 -2.08
N THR D 154 -4.71 -70.80 -2.23
CA THR D 154 -3.39 -71.04 -1.63
C THR D 154 -3.09 -69.96 -0.57
N THR D 155 -2.34 -70.32 0.46
CA THR D 155 -1.97 -69.39 1.55
C THR D 155 -1.29 -68.15 0.96
N PRO D 156 -1.62 -66.94 1.49
CA PRO D 156 -0.96 -65.74 0.95
C PRO D 156 0.56 -65.70 1.22
N GLU D 157 1.32 -65.06 0.32
CA GLU D 157 2.76 -64.88 0.51
C GLU D 157 3.08 -63.95 1.69
N ASP D 158 2.22 -62.96 1.92
CA ASP D 158 2.34 -62.03 3.04
C ASP D 158 2.03 -62.68 4.40
N ALA D 159 1.28 -63.79 4.39
CA ALA D 159 0.92 -64.52 5.60
C ALA D 159 2.14 -64.83 6.45
N THR D 160 2.04 -64.57 7.75
CA THR D 160 3.13 -64.71 8.70
C THR D 160 2.78 -65.74 9.76
N PRO D 161 2.79 -67.04 9.40
CA PRO D 161 2.43 -68.08 10.37
C PRO D 161 3.40 -68.15 11.55
N GLU D 162 2.89 -68.54 12.71
CA GLU D 162 3.72 -68.74 13.90
C GLU D 162 4.46 -70.09 13.83
N PRO D 163 5.58 -70.23 14.58
CA PRO D 163 6.40 -71.45 14.66
C PRO D 163 5.72 -72.82 14.60
N GLY D 164 4.81 -73.15 15.52
CA GLY D 164 4.21 -74.48 15.56
C GLY D 164 2.99 -74.69 14.67
N GLU D 165 2.95 -74.09 13.48
CA GLU D 165 1.74 -74.12 12.65
C GLU D 165 1.88 -75.03 11.44
N ASP D 166 1.09 -76.10 11.40
CA ASP D 166 0.93 -76.92 10.19
C ASP D 166 0.46 -76.01 9.06
N PRO D 167 1.17 -75.99 7.92
CA PRO D 167 0.76 -75.20 6.74
C PRO D 167 -0.71 -75.34 6.33
N ARG D 168 -1.28 -76.52 6.59
CA ARG D 168 -2.72 -76.78 6.39
C ARG D 168 -3.58 -75.86 7.28
N VAL D 169 -3.27 -75.86 8.57
CA VAL D 169 -3.97 -75.01 9.55
C VAL D 169 -3.85 -73.53 9.17
N THR D 170 -2.64 -73.11 8.81
CA THR D 170 -2.37 -71.74 8.37
C THR D 170 -3.24 -71.39 7.16
N ARG D 171 -3.27 -72.29 6.17
CA ARG D 171 -4.05 -72.08 4.96
C ARG D 171 -5.55 -71.87 5.24
N ALA D 172 -6.13 -72.77 6.04
CA ALA D 172 -7.54 -72.67 6.43
C ALA D 172 -7.84 -71.37 7.18
N LYS D 173 -7.04 -71.13 8.23
CA LYS D 173 -7.13 -69.92 9.06
C LYS D 173 -7.20 -68.66 8.19
N TYR D 174 -6.20 -68.52 7.33
CA TYR D 174 -6.14 -67.35 6.45
C TYR D 174 -7.24 -67.33 5.40
N PHE D 175 -7.76 -68.50 5.02
CA PHE D 175 -8.91 -68.57 4.11
C PHE D 175 -10.16 -67.93 4.72
N ILE D 176 -10.41 -68.25 5.99
CA ILE D 176 -11.53 -67.67 6.74
C ILE D 176 -11.34 -66.14 6.83
N ARG D 177 -10.17 -65.73 7.27
CA ARG D 177 -9.86 -64.30 7.37
C ARG D 177 -10.19 -63.58 6.07
N ASP D 178 -9.69 -64.13 4.96
CA ASP D 178 -9.96 -63.56 3.62
C ASP D 178 -11.44 -63.58 3.25
N GLU D 179 -12.16 -64.61 3.71
CA GLU D 179 -13.62 -64.68 3.51
C GLU D 179 -14.34 -63.47 4.08
N PHE D 180 -13.92 -63.04 5.26
CA PHE D 180 -14.44 -61.83 5.87
C PHE D 180 -13.92 -60.56 5.21
N LEU D 181 -12.70 -60.60 4.69
CA LEU D 181 -12.09 -59.39 4.11
C LEU D 181 -12.64 -59.03 2.73
N ARG D 182 -12.95 -60.03 1.90
CA ARG D 182 -13.62 -59.82 0.61
C ARG D 182 -14.88 -58.93 0.71
N ILE D 183 -15.60 -59.09 1.82
CA ILE D 183 -16.77 -58.27 2.13
C ILE D 183 -16.39 -56.81 2.40
N SER D 184 -15.35 -56.61 3.22
CA SER D 184 -14.81 -55.26 3.52
C SER D 184 -14.39 -54.52 2.26
N THR D 185 -13.76 -55.26 1.35
CA THR D 185 -13.27 -54.70 0.10
C THR D 185 -14.34 -54.64 -1.00
N ALA D 186 -15.49 -55.26 -0.78
CA ALA D 186 -16.60 -55.21 -1.74
C ALA D 186 -17.16 -53.79 -1.89
N SER D 187 -17.47 -53.18 -0.74
CA SER D 187 -17.79 -51.76 -0.66
C SER D 187 -16.50 -51.03 -0.32
N GLY D 188 -15.70 -50.76 -1.36
CA GLY D 188 -14.36 -50.24 -1.20
C GLY D 188 -14.29 -48.74 -1.22
N ASP D 189 -15.16 -48.08 -0.43
CA ASP D 189 -15.12 -46.61 -0.31
C ASP D 189 -13.90 -46.14 0.49
N GLY D 190 -13.56 -46.84 1.56
CA GLY D 190 -12.35 -46.54 2.35
C GLY D 190 -12.58 -45.51 3.45
N ARG D 191 -13.83 -45.17 3.71
CA ARG D 191 -14.19 -44.38 4.90
C ARG D 191 -13.90 -45.14 6.19
N HIS D 192 -14.06 -46.47 6.14
CA HIS D 192 -13.83 -47.34 7.29
C HIS D 192 -13.12 -48.63 6.84
N TYR D 193 -12.47 -49.29 7.79
CA TYR D 193 -11.67 -50.49 7.50
C TYR D 193 -11.90 -51.58 8.53
N CYS D 194 -11.56 -52.81 8.14
CA CYS D 194 -11.75 -54.01 8.97
C CYS D 194 -10.39 -54.59 9.39
N TYR D 195 -10.09 -54.53 10.69
CA TYR D 195 -8.79 -54.96 11.25
C TYR D 195 -8.89 -56.37 11.85
N PRO D 196 -8.34 -57.39 11.14
CA PRO D 196 -8.48 -58.77 11.58
C PRO D 196 -7.48 -59.18 12.66
N HIS D 197 -7.82 -60.27 13.35
CA HIS D 197 -6.97 -60.87 14.39
C HIS D 197 -7.28 -62.36 14.53
N PHE D 198 -6.28 -63.13 14.94
CA PHE D 198 -6.43 -64.55 15.26
C PHE D 198 -6.31 -64.68 16.76
N THR D 199 -7.38 -65.11 17.42
CA THR D 199 -7.46 -65.20 18.89
C THR D 199 -7.80 -66.60 19.36
N CYS D 200 -7.02 -67.11 20.32
CA CYS D 200 -7.13 -68.49 20.79
C CYS D 200 -8.19 -68.65 21.88
N ALA D 201 -8.96 -67.60 22.17
CA ALA D 201 -9.83 -67.54 23.34
C ALA D 201 -8.96 -67.52 24.59
N VAL D 202 -8.07 -68.50 24.72
CA VAL D 202 -6.90 -68.43 25.62
C VAL D 202 -5.99 -67.20 25.50
N ASP D 203 -6.05 -66.47 24.37
CA ASP D 203 -5.30 -65.20 24.16
C ASP D 203 -5.16 -64.24 25.37
N THR D 204 -3.91 -63.88 25.67
CA THR D 204 -3.54 -63.11 26.85
C THR D 204 -3.71 -61.60 26.67
N GLU D 205 -3.36 -61.06 25.48
CA GLU D 205 -3.47 -59.63 25.21
C GLU D 205 -4.40 -59.30 24.02
N ASN D 206 -5.72 -59.34 24.26
CA ASN D 206 -6.74 -58.82 23.33
C ASN D 206 -6.96 -57.33 23.55
N ALA D 207 -6.82 -56.89 24.79
CA ALA D 207 -7.02 -55.50 25.15
C ALA D 207 -6.07 -54.62 24.36
N ARG D 208 -4.81 -55.03 24.28
CA ARG D 208 -3.79 -54.29 23.55
C ARG D 208 -4.10 -54.26 22.05
N ARG D 209 -4.59 -55.37 21.49
CA ARG D 209 -4.99 -55.38 20.08
C ARG D 209 -6.09 -54.36 19.81
N ILE D 210 -7.13 -54.39 20.63
CA ILE D 210 -8.22 -53.41 20.54
C ILE D 210 -7.66 -51.98 20.63
N PHE D 211 -6.80 -51.74 21.63
CA PHE D 211 -6.14 -50.45 21.86
C PHE D 211 -5.46 -49.98 20.58
N ASN D 212 -4.49 -50.76 20.11
CA ASN D 212 -3.73 -50.44 18.91
C ASN D 212 -4.62 -50.16 17.70
N ASP D 213 -5.67 -50.97 17.53
CA ASP D 213 -6.59 -50.80 16.41
C ASP D 213 -7.37 -49.47 16.48
N CYS D 214 -7.78 -49.09 17.70
CA CYS D 214 -8.44 -47.80 17.88
C CYS D 214 -7.47 -46.65 17.61
N ARG D 215 -6.28 -46.74 18.21
CA ARG D 215 -5.18 -45.80 17.97
C ARG D 215 -5.00 -45.56 16.49
N ASP D 216 -4.87 -46.65 15.74
CA ASP D 216 -4.74 -46.58 14.28
C ASP D 216 -5.93 -45.86 13.66
N ILE D 217 -7.14 -46.28 14.03
CA ILE D 217 -8.37 -45.71 13.46
C ILE D 217 -8.37 -44.19 13.58
N ILE D 218 -8.22 -43.70 14.80
CA ILE D 218 -8.34 -42.27 15.05
C ILE D 218 -7.11 -41.51 14.51
N GLN D 219 -5.92 -42.11 14.58
CA GLN D 219 -4.74 -41.49 13.96
C GLN D 219 -4.93 -41.33 12.46
N ARG D 220 -5.59 -42.29 11.82
CA ARG D 220 -5.89 -42.20 10.40
C ARG D 220 -7.03 -41.20 10.13
N MET D 221 -7.87 -40.97 11.13
CA MET D 221 -8.88 -39.94 11.03
C MET D 221 -8.21 -38.57 10.98
N HIS D 222 -7.25 -38.32 11.88
CA HIS D 222 -6.43 -37.10 11.85
C HIS D 222 -5.60 -36.97 10.58
N LEU D 223 -5.00 -38.07 10.11
CA LEU D 223 -4.19 -38.01 8.89
C LEU D 223 -5.05 -37.64 7.68
N ARG D 224 -6.21 -38.29 7.57
CA ARG D 224 -7.24 -37.95 6.58
C ARG D 224 -7.69 -36.48 6.68
N GLN D 225 -7.88 -36.00 7.91
CA GLN D 225 -8.28 -34.60 8.14
C GLN D 225 -7.30 -33.59 7.57
N TYR D 226 -6.01 -33.94 7.51
CA TYR D 226 -5.00 -33.06 6.91
C TYR D 226 -4.75 -33.34 5.41
N GLU D 227 -5.57 -34.20 4.80
CA GLU D 227 -5.36 -34.66 3.42
C GLU D 227 -3.99 -35.31 3.21
N LEU D 228 -3.43 -35.88 4.28
CA LEU D 228 -2.10 -36.48 4.21
C LEU D 228 -2.21 -37.93 3.77
#